data_1T8E
#
_entry.id   1T8E
#
_cell.length_a   106.285
_cell.length_b   218.121
_cell.length_c   52.133
_cell.angle_alpha   90.00
_cell.angle_beta   90.00
_cell.angle_gamma   90.00
#
_symmetry.space_group_name_H-M   'P 21 21 2'
#
loop_
_entity.id
_entity.type
_entity.pdbx_description
1 polymer "5'-D(P*CP*GP*AP*AP*AP*AP*CP*GP*AP*CP*GP*GP*CP*CP*AP*GP*TP*GP*CP*CP*AP*(2DT))-3'"
2 polymer 25-MER
3 polymer 'DNA polymerase'
4 polymer 'thioredoxin 1'
5 non-polymer 'MAGNESIUM ION'
6 non-polymer 'SULFATE ION'
7 non-polymer "2',3'-DIDEOXYCYTIDINE 5'-TRIPHOSPHATE"
8 non-polymer '2-(N-MORPHOLINO)-ETHANESULFONIC ACID'
9 non-polymer 'TETRAETHYLENE GLYCOL'
10 water water
#
loop_
_entity_poly.entity_id
_entity_poly.type
_entity_poly.pdbx_seq_one_letter_code
_entity_poly.pdbx_strand_id
1 'polydeoxyribonucleotide'
;(DC)(DG)(DA)(DA)(DA)(DA)(DC)(DG)(DA)(DC)(DG)(DG)(DC)(DC)(DA)(DG)(DT)(DG)(DC)(DC)
(DA)(2DT)
;
C
2 'polydeoxyribonucleotide'
;(DA)(DT)(DG)(DG)(DA)(DT)(DG)(DG)(DC)(DA)(DC)(DT)(DG)(DG)(DC)(DC)(DG)(DT)(DC)(DG)
(DT)(DT)(DT)(DT)(DC)(DG)
;
D
3 'polypeptide(L)'
;MIVSDIEANALLESVTKFHCGVIYDYSTAEYVSYRPSDFGAYLDALEAEVARGGLIVFHNGHKYDVPALTKLAKLQLNRE
FHLPRENCIDTLVLSRLIHSNLKDTDMGLLRSGKLPGALEAWGYRLGEMKGEYKDDFKRMLEEQGEEYVDGMEWWNFNEE
MMDYNVQDVVVTKALLEKLLSDKHYFPPEIDFTDVGYTTFWSESLEAVDIEHRAAWLLAKQERNGFPFDTKAIEELYVEL
AARRSELLRKLTETFGSWYQPKGGTEMFCHPRTGKPLPKYPRIKTPKVGGIFKKPKNKAQREGREPCELDTREYVAGAPY
TPVEHVVFNPSSRDHIQKKLQEAGWVPTKYTDKGAPVVDDEVLEGVRVDDPEKQAAIDLIKEYLMIQKRIGQSAEGDKAW
LRYVAEDGKIHGSVNPNGAVTGRATHAFPNLAQIPGVRSPYGEQCRAAFGAEHHLDGITGKPWVQAGIDASGLELRCLAH
FMARFDNGEYAHEILNGDIHTKNQIAAELPTRDNAKTFIYGFLYGAGDEKIGQIVGAGKERGKELKKKFLENTPAIAALR
ESIQQTLVESSQWVAGEQQVKWKRRWIKGLDGRKVHVRSPHAALNTLLQSAGALICKLWIIKTEEMLVEKGLKHGWDGDF
AYMAWVHDEIQVGCRTEEIAQVVIETAQEAMRWVGDHWNFRCLLDTEGKMGPNWAICH
;
A
4 'polypeptide(L)'
;SDKIIHLTDDSFDTDVLKADGAILVDFWAEWCGPCKMIAPILDEIADEYQGKLTVAKLNIDQNPGTAPKYGIRGIPTLLL
FKNGEVAATKVGALSKGQLKEFLDANLA
;
B
#
# COMPACT_ATOMS: atom_id res chain seq x y z
N MET C 1 -28.82 -24.00 -16.08
CA MET C 1 -27.75 -23.26 -15.33
C MET C 1 -27.18 -24.14 -14.23
N ILE C 2 -25.88 -24.01 -14.00
CA ILE C 2 -25.20 -24.77 -12.96
C ILE C 2 -24.22 -23.90 -12.17
N VAL C 3 -24.05 -24.24 -10.90
CA VAL C 3 -23.14 -23.52 -10.02
C VAL C 3 -22.00 -24.47 -9.72
N SER C 4 -20.77 -24.01 -9.87
CA SER C 4 -19.64 -24.90 -9.63
C SER C 4 -18.46 -24.21 -8.96
N ASP C 5 -17.45 -25.00 -8.65
CA ASP C 5 -16.24 -24.52 -7.99
C ASP C 5 -15.29 -25.71 -7.96
N ILE C 6 -14.00 -25.46 -7.90
CA ILE C 6 -13.03 -26.55 -7.86
C ILE C 6 -11.99 -26.34 -6.76
N GLU C 7 -11.24 -27.41 -6.47
CA GLU C 7 -10.18 -27.35 -5.48
C GLU C 7 -8.96 -27.94 -6.16
N ALA C 8 -7.87 -27.16 -6.17
CA ALA C 8 -6.63 -27.60 -6.80
C ALA C 8 -5.44 -27.41 -5.86
N ASN C 9 -4.26 -27.83 -6.33
CA ASN C 9 -3.04 -27.76 -5.51
C ASN C 9 -2.27 -26.45 -5.44
N ALA C 10 -2.72 -25.41 -6.15
CA ALA C 10 -1.99 -24.15 -6.10
C ALA C 10 -2.68 -23.03 -6.86
N LEU C 11 -2.19 -21.81 -6.71
CA LEU C 11 -2.75 -20.68 -7.44
C LEU C 11 -2.48 -20.93 -8.93
N LEU C 12 -3.18 -20.19 -9.79
CA LEU C 12 -3.06 -20.36 -11.22
C LEU C 12 -1.65 -20.58 -11.79
N GLU C 13 -0.72 -19.70 -11.45
CA GLU C 13 0.64 -19.78 -11.96
C GLU C 13 1.37 -21.10 -11.70
N SER C 14 1.11 -21.71 -10.55
CA SER C 14 1.81 -22.94 -10.19
C SER C 14 0.94 -24.19 -10.11
N VAL C 15 -0.36 -24.05 -10.35
CA VAL C 15 -1.27 -25.20 -10.27
C VAL C 15 -0.92 -26.30 -11.27
N THR C 16 -0.96 -27.54 -10.81
CA THR C 16 -0.63 -28.70 -11.65
C THR C 16 -1.47 -29.93 -11.28
N LYS C 17 -2.48 -29.76 -10.45
CA LYS C 17 -3.29 -30.92 -10.04
C LYS C 17 -4.69 -30.58 -9.55
N PHE C 18 -5.70 -31.14 -10.22
CA PHE C 18 -7.09 -30.93 -9.86
C PHE C 18 -7.44 -31.90 -8.74
N HIS C 19 -7.83 -31.39 -7.58
CA HIS C 19 -8.18 -32.28 -6.47
C HIS C 19 -9.63 -32.73 -6.56
N CYS C 20 -10.55 -31.77 -6.63
CA CYS C 20 -11.96 -32.11 -6.70
C CYS C 20 -12.81 -30.96 -7.21
N GLY C 21 -14.10 -31.23 -7.38
CA GLY C 21 -15.01 -30.21 -7.85
C GLY C 21 -16.45 -30.59 -7.55
N VAL C 22 -17.34 -29.61 -7.55
CA VAL C 22 -18.75 -29.85 -7.28
C VAL C 22 -19.63 -29.08 -8.26
N ILE C 23 -20.74 -29.69 -8.65
CA ILE C 23 -21.68 -29.04 -9.57
C ILE C 23 -23.12 -29.15 -9.08
N TYR C 24 -23.79 -28.01 -8.94
CA TYR C 24 -25.19 -27.99 -8.54
C TYR C 24 -25.93 -27.69 -9.83
N ASP C 25 -26.86 -28.56 -10.20
CA ASP C 25 -27.63 -28.35 -11.44
C ASP C 25 -29.06 -27.91 -11.13
N TYR C 26 -29.40 -26.69 -11.53
CA TYR C 26 -30.74 -26.18 -11.29
C TYR C 26 -31.80 -27.05 -11.94
N SER C 27 -31.43 -27.74 -13.01
CA SER C 27 -32.38 -28.60 -13.70
C SER C 27 -32.65 -29.90 -12.95
N THR C 28 -31.81 -30.22 -11.97
CA THR C 28 -31.98 -31.45 -11.19
C THR C 28 -32.02 -31.15 -9.70
N ALA C 29 -31.74 -29.90 -9.34
CA ALA C 29 -31.73 -29.51 -7.93
C ALA C 29 -30.82 -30.42 -7.10
N GLU C 30 -29.75 -30.90 -7.71
CA GLU C 30 -28.83 -31.78 -7.00
C GLU C 30 -27.35 -31.45 -7.15
N TYR C 31 -26.61 -31.75 -6.09
CA TYR C 31 -25.18 -31.53 -6.04
C TYR C 31 -24.48 -32.81 -6.45
N VAL C 32 -23.37 -32.68 -7.15
CA VAL C 32 -22.59 -33.84 -7.54
C VAL C 32 -21.15 -33.50 -7.21
N SER C 33 -20.48 -34.43 -6.54
CA SER C 33 -19.07 -34.25 -6.16
C SER C 33 -18.17 -35.06 -7.09
N TYR C 34 -17.02 -34.47 -7.44
CA TYR C 34 -16.04 -35.13 -8.30
C TYR C 34 -14.70 -35.18 -7.57
N ARG C 35 -14.08 -36.34 -7.56
CA ARG C 35 -12.81 -36.51 -6.87
C ARG C 35 -11.65 -36.55 -7.86
N PRO C 36 -10.40 -36.63 -7.37
CA PRO C 36 -9.27 -36.66 -8.32
C PRO C 36 -9.51 -37.44 -9.62
N SER C 37 -9.92 -38.69 -9.52
CA SER C 37 -10.14 -39.50 -10.72
C SER C 37 -11.39 -39.16 -11.53
N ASP C 38 -12.23 -38.26 -11.02
CA ASP C 38 -13.44 -37.86 -11.75
C ASP C 38 -13.24 -36.64 -12.62
N PHE C 39 -12.02 -36.11 -12.64
CA PHE C 39 -11.70 -34.91 -13.40
C PHE C 39 -12.31 -34.87 -14.80
N GLY C 40 -12.05 -35.89 -15.62
CA GLY C 40 -12.62 -35.92 -16.95
C GLY C 40 -14.14 -35.80 -16.96
N ALA C 41 -14.80 -36.50 -16.05
CA ALA C 41 -16.25 -36.47 -15.95
C ALA C 41 -16.73 -35.06 -15.58
N TYR C 42 -15.91 -34.36 -14.80
CA TYR C 42 -16.24 -33.02 -14.37
C TYR C 42 -16.30 -32.10 -15.58
N LEU C 43 -15.24 -32.13 -16.36
CA LEU C 43 -15.16 -31.31 -17.56
C LEU C 43 -16.31 -31.66 -18.50
N ASP C 44 -16.62 -32.95 -18.63
CA ASP C 44 -17.71 -33.35 -19.51
C ASP C 44 -19.00 -32.60 -19.14
N ALA C 45 -19.35 -32.69 -17.87
CA ALA C 45 -20.55 -32.04 -17.37
C ALA C 45 -20.57 -30.54 -17.70
N LEU C 46 -19.48 -29.84 -17.40
CA LEU C 46 -19.41 -28.42 -17.69
C LEU C 46 -19.65 -28.19 -19.18
N GLU C 47 -19.02 -29.00 -20.01
CA GLU C 47 -19.16 -28.89 -21.46
C GLU C 47 -20.55 -29.28 -21.92
N ALA C 48 -21.25 -30.06 -21.09
CA ALA C 48 -22.59 -30.48 -21.44
C ALA C 48 -23.51 -29.28 -21.26
N GLU C 49 -23.21 -28.47 -20.25
CA GLU C 49 -24.02 -27.28 -19.97
C GLU C 49 -23.86 -26.30 -21.12
N VAL C 50 -22.64 -26.22 -21.65
CA VAL C 50 -22.38 -25.32 -22.77
C VAL C 50 -23.13 -25.78 -24.01
N ALA C 51 -23.17 -27.10 -24.22
CA ALA C 51 -23.83 -27.68 -25.38
C ALA C 51 -25.32 -27.35 -25.41
N ARG C 52 -25.90 -27.12 -24.24
CA ARG C 52 -27.33 -26.80 -24.17
C ARG C 52 -27.53 -25.29 -24.17
N GLY C 53 -26.50 -24.56 -24.55
CA GLY C 53 -26.60 -23.11 -24.56
C GLY C 53 -26.85 -22.58 -23.15
N GLY C 54 -26.41 -23.34 -22.15
CA GLY C 54 -26.61 -22.95 -20.76
C GLY C 54 -25.59 -22.01 -20.12
N LEU C 55 -25.62 -21.96 -18.80
CA LEU C 55 -24.73 -21.08 -18.04
C LEU C 55 -24.00 -21.75 -16.86
N ILE C 56 -22.75 -21.38 -16.66
CA ILE C 56 -21.95 -21.92 -15.57
C ILE C 56 -21.56 -20.81 -14.61
N VAL C 57 -21.97 -20.96 -13.34
CA VAL C 57 -21.68 -19.96 -12.32
C VAL C 57 -20.54 -20.32 -11.38
N PHE C 58 -19.54 -19.44 -11.31
CA PHE C 58 -18.37 -19.63 -10.46
C PHE C 58 -18.24 -18.36 -9.63
N HIS C 59 -17.54 -18.45 -8.49
CA HIS C 59 -17.27 -17.26 -7.70
C HIS C 59 -15.77 -17.06 -7.93
N ASN C 60 -15.43 -16.05 -8.74
CA ASN C 60 -14.05 -15.75 -9.08
C ASN C 60 -13.55 -16.74 -10.13
N GLY C 61 -14.49 -17.38 -10.81
CA GLY C 61 -14.14 -18.35 -11.82
C GLY C 61 -13.41 -17.73 -13.00
N HIS C 62 -13.78 -16.49 -13.33
CA HIS C 62 -13.16 -15.79 -14.45
C HIS C 62 -11.66 -15.67 -14.34
N LYS C 63 -11.15 -15.35 -13.14
CA LYS C 63 -9.73 -15.22 -12.93
C LYS C 63 -9.06 -16.54 -12.60
N TYR C 64 -9.73 -17.37 -11.82
CA TYR C 64 -9.15 -18.64 -11.42
C TYR C 64 -9.70 -19.94 -12.05
N ASP C 65 -10.82 -20.45 -11.55
CA ASP C 65 -11.39 -21.71 -12.05
C ASP C 65 -11.35 -21.97 -13.56
N VAL C 66 -11.89 -21.05 -14.35
CA VAL C 66 -11.89 -21.25 -15.78
C VAL C 66 -10.51 -21.40 -16.40
N PRO C 67 -9.62 -20.40 -16.23
CA PRO C 67 -8.30 -20.55 -16.83
C PRO C 67 -7.56 -21.75 -16.25
N ALA C 68 -7.77 -22.01 -14.96
CA ALA C 68 -7.13 -23.15 -14.32
C ALA C 68 -7.57 -24.47 -14.95
N LEU C 69 -8.87 -24.62 -15.20
CA LEU C 69 -9.38 -25.85 -15.81
C LEU C 69 -8.74 -26.08 -17.17
N THR C 70 -8.54 -25.00 -17.92
CA THR C 70 -7.91 -25.09 -19.22
C THR C 70 -6.50 -25.63 -19.02
N LYS C 71 -5.79 -25.08 -18.05
CA LYS C 71 -4.42 -25.51 -17.77
C LYS C 71 -4.28 -26.95 -17.29
N LEU C 72 -5.17 -27.38 -16.40
CA LEU C 72 -5.10 -28.73 -15.88
C LEU C 72 -5.59 -29.78 -16.87
N ALA C 73 -6.59 -29.42 -17.68
CA ALA C 73 -7.12 -30.34 -18.66
C ALA C 73 -5.98 -30.75 -19.61
N LYS C 74 -5.13 -29.81 -19.97
CA LYS C 74 -4.01 -30.09 -20.87
C LYS C 74 -2.91 -30.91 -20.19
N LEU C 75 -2.45 -30.44 -19.03
CA LEU C 75 -1.39 -31.11 -18.28
C LEU C 75 -1.80 -32.51 -17.81
N GLN C 76 -2.97 -32.62 -17.23
CA GLN C 76 -3.42 -33.90 -16.70
C GLN C 76 -4.05 -34.89 -17.68
N LEU C 77 -4.91 -34.41 -18.57
CA LEU C 77 -5.58 -35.31 -19.51
C LEU C 77 -5.17 -35.07 -20.95
N ASN C 78 -4.24 -34.15 -21.15
CA ASN C 78 -3.79 -33.84 -22.51
C ASN C 78 -5.04 -33.55 -23.32
N ARG C 79 -5.88 -32.68 -22.80
CA ARG C 79 -7.14 -32.33 -23.44
C ARG C 79 -7.31 -30.82 -23.55
N GLU C 80 -7.92 -30.38 -24.65
CA GLU C 80 -8.19 -28.96 -24.87
C GLU C 80 -9.56 -28.65 -24.24
N PHE C 81 -9.58 -27.69 -23.32
CA PHE C 81 -10.79 -27.29 -22.61
C PHE C 81 -10.87 -25.76 -22.61
N HIS C 82 -11.96 -25.21 -23.14
CA HIS C 82 -12.09 -23.76 -23.22
C HIS C 82 -13.55 -23.30 -23.12
N LEU C 83 -13.99 -23.01 -21.91
CA LEU C 83 -15.36 -22.55 -21.71
C LEU C 83 -15.51 -21.20 -22.38
N PRO C 84 -16.52 -21.04 -23.25
CA PRO C 84 -16.68 -19.73 -23.89
C PRO C 84 -17.04 -18.68 -22.87
N ARG C 85 -16.63 -17.45 -23.13
CA ARG C 85 -16.93 -16.34 -22.25
C ARG C 85 -18.43 -16.25 -21.96
N GLU C 86 -19.22 -16.11 -23.01
CA GLU C 86 -20.66 -15.97 -22.92
C GLU C 86 -21.38 -17.04 -22.09
N ASN C 87 -20.69 -18.12 -21.73
CA ASN C 87 -21.33 -19.16 -20.94
C ASN C 87 -20.99 -19.09 -19.46
N CYS C 88 -20.18 -18.11 -19.08
CA CYS C 88 -19.75 -18.00 -17.68
C CYS C 88 -20.23 -16.80 -16.90
N ILE C 89 -20.62 -17.08 -15.67
CA ILE C 89 -21.10 -16.07 -14.75
C ILE C 89 -20.21 -16.10 -13.49
N ASP C 90 -19.81 -14.93 -13.02
CA ASP C 90 -18.95 -14.85 -11.84
C ASP C 90 -19.68 -14.04 -10.75
N THR C 91 -19.97 -14.67 -9.62
CA THR C 91 -20.65 -13.95 -8.54
C THR C 91 -19.77 -12.92 -7.84
N LEU C 92 -18.46 -13.00 -8.02
CA LEU C 92 -17.58 -12.01 -7.41
C LEU C 92 -17.66 -10.76 -8.27
N VAL C 93 -17.83 -10.96 -9.57
CA VAL C 93 -17.96 -9.88 -10.53
C VAL C 93 -19.30 -9.18 -10.30
N LEU C 94 -20.34 -9.98 -10.12
CA LEU C 94 -21.68 -9.46 -9.88
C LEU C 94 -21.73 -8.75 -8.55
N SER C 95 -21.12 -9.38 -7.54
CA SER C 95 -21.14 -8.81 -6.20
C SER C 95 -20.47 -7.45 -6.19
N ARG C 96 -19.35 -7.33 -6.91
CA ARG C 96 -18.63 -6.07 -6.96
C ARG C 96 -19.36 -4.99 -7.74
N LEU C 97 -20.30 -5.40 -8.59
CA LEU C 97 -21.07 -4.45 -9.37
C LEU C 97 -22.22 -3.91 -8.51
N ILE C 98 -22.98 -4.82 -7.94
CA ILE C 98 -24.14 -4.46 -7.14
C ILE C 98 -23.82 -3.86 -5.77
N HIS C 99 -22.68 -4.22 -5.19
CA HIS C 99 -22.29 -3.68 -3.90
C HIS C 99 -20.99 -2.90 -4.08
N SER C 100 -20.93 -2.08 -5.12
CA SER C 100 -19.75 -1.30 -5.42
C SER C 100 -19.27 -0.44 -4.26
N ASN C 101 -20.20 -0.03 -3.41
CA ASN C 101 -19.87 0.81 -2.25
C ASN C 101 -19.08 0.04 -1.19
N LEU C 102 -19.16 -1.29 -1.26
CA LEU C 102 -18.48 -2.15 -0.31
C LEU C 102 -17.12 -2.68 -0.74
N LYS C 103 -16.39 -3.16 0.25
CA LYS C 103 -15.08 -3.72 0.03
C LYS C 103 -15.22 -5.23 0.15
N ASP C 104 -14.23 -5.96 -0.36
CA ASP C 104 -14.17 -7.41 -0.23
C ASP C 104 -12.70 -7.72 0.07
N THR C 105 -12.40 -8.96 0.41
CA THR C 105 -11.03 -9.34 0.75
C THR C 105 -10.25 -9.87 -0.45
N ASP C 106 -10.65 -9.48 -1.65
CA ASP C 106 -10.02 -9.93 -2.88
C ASP C 106 -9.75 -11.42 -2.75
N MET C 107 -10.74 -12.14 -2.24
CA MET C 107 -10.64 -13.58 -2.07
C MET C 107 -9.62 -14.05 -1.05
N GLY C 108 -9.42 -13.27 0.00
CA GLY C 108 -8.49 -13.65 1.05
C GLY C 108 -7.08 -13.08 0.96
N LEU C 109 -6.83 -12.21 -0.01
CA LEU C 109 -5.51 -11.61 -0.16
C LEU C 109 -5.35 -10.44 0.81
N LEU C 110 -6.44 -9.74 1.06
CA LEU C 110 -6.44 -8.62 1.98
C LEU C 110 -6.96 -9.11 3.32
N ARG C 111 -6.71 -8.32 4.37
CA ARG C 111 -7.18 -8.68 5.70
C ARG C 111 -8.50 -7.96 5.96
N SER C 112 -9.52 -8.71 6.34
CA SER C 112 -10.82 -8.12 6.61
C SER C 112 -10.73 -7.01 7.64
N GLY C 113 -9.97 -7.26 8.70
CA GLY C 113 -9.83 -6.27 9.76
C GLY C 113 -9.26 -4.92 9.36
N LYS C 114 -8.53 -4.88 8.25
CA LYS C 114 -7.93 -3.64 7.78
C LYS C 114 -8.83 -2.91 6.77
N LEU C 115 -9.93 -3.57 6.38
CA LEU C 115 -10.87 -3.01 5.42
C LEU C 115 -11.95 -2.15 6.09
N PRO C 116 -12.17 -0.92 5.60
CA PRO C 116 -13.19 -0.06 6.20
C PRO C 116 -14.63 -0.49 5.83
N GLY C 117 -15.58 -0.18 6.70
CA GLY C 117 -16.96 -0.53 6.43
C GLY C 117 -17.32 -2.00 6.59
N ALA C 118 -18.52 -2.36 6.16
CA ALA C 118 -19.00 -3.73 6.25
C ALA C 118 -18.63 -4.54 5.02
N LEU C 119 -18.79 -5.86 5.11
CA LEU C 119 -18.50 -6.76 4.02
C LEU C 119 -19.70 -7.69 3.82
N GLU C 120 -20.08 -7.94 2.57
CA GLU C 120 -21.20 -8.83 2.28
C GLU C 120 -20.90 -10.20 2.91
N ALA C 121 -21.88 -10.76 3.61
CA ALA C 121 -21.69 -12.04 4.30
C ALA C 121 -21.23 -13.26 3.50
N TRP C 122 -21.98 -13.64 2.47
CA TRP C 122 -21.63 -14.81 1.66
C TRP C 122 -20.24 -14.72 1.07
N GLY C 123 -19.92 -13.54 0.51
CA GLY C 123 -18.62 -13.34 -0.11
C GLY C 123 -17.50 -13.36 0.91
N TYR C 124 -17.80 -12.92 2.13
CA TYR C 124 -16.79 -12.93 3.18
C TYR C 124 -16.40 -14.37 3.45
N ARG C 125 -17.41 -15.23 3.58
CA ARG C 125 -17.18 -16.64 3.85
C ARG C 125 -16.38 -17.30 2.74
N LEU C 126 -16.74 -17.03 1.50
CA LEU C 126 -16.03 -17.62 0.37
C LEU C 126 -14.56 -17.22 0.40
N GLY C 127 -14.30 -15.94 0.69
CA GLY C 127 -12.93 -15.45 0.73
C GLY C 127 -12.11 -15.93 1.93
N GLU C 128 -12.76 -16.53 2.92
CA GLU C 128 -12.07 -17.01 4.11
C GLU C 128 -11.96 -18.53 4.14
N MET C 129 -12.58 -19.18 3.16
CA MET C 129 -12.56 -20.65 3.09
C MET C 129 -11.16 -21.24 3.05
N LYS C 130 -10.25 -20.63 2.30
CA LYS C 130 -8.91 -21.20 2.23
C LYS C 130 -8.21 -21.09 3.58
N GLY C 131 -8.55 -20.06 4.34
CA GLY C 131 -7.94 -19.88 5.64
C GLY C 131 -8.60 -20.73 6.72
N GLU C 132 -9.92 -20.85 6.68
CA GLU C 132 -10.62 -21.65 7.67
C GLU C 132 -10.21 -23.09 7.49
N TYR C 133 -10.09 -23.50 6.23
CA TYR C 133 -9.68 -24.86 5.89
C TYR C 133 -8.29 -25.14 6.44
N LYS C 134 -7.39 -24.18 6.30
CA LYS C 134 -6.03 -24.35 6.80
C LYS C 134 -6.08 -24.56 8.30
N ASP C 135 -6.93 -23.79 8.98
CA ASP C 135 -7.06 -23.92 10.43
C ASP C 135 -7.55 -25.32 10.78
N ASP C 136 -8.61 -25.76 10.10
CA ASP C 136 -9.19 -27.08 10.34
C ASP C 136 -8.23 -28.22 10.02
N PHE C 137 -7.29 -27.97 9.10
CA PHE C 137 -6.31 -28.98 8.70
C PHE C 137 -5.14 -28.97 9.66
N LYS C 138 -4.70 -27.77 10.02
CA LYS C 138 -3.60 -27.60 10.94
C LYS C 138 -3.98 -28.14 12.31
N ARG C 139 -5.29 -28.31 12.52
CA ARG C 139 -5.80 -28.83 13.79
C ARG C 139 -5.74 -30.35 13.78
N MET C 140 -6.42 -30.97 12.82
CA MET C 140 -6.42 -32.42 12.72
C MET C 140 -5.01 -32.97 12.65
N LEU C 141 -4.06 -32.10 12.29
CA LEU C 141 -2.65 -32.48 12.18
C LEU C 141 -1.97 -32.47 13.54
N GLU C 142 -2.65 -31.95 14.55
CA GLU C 142 -2.09 -31.90 15.90
C GLU C 142 -2.73 -33.00 16.74
N GLU C 143 -3.99 -33.31 16.46
CA GLU C 143 -4.71 -34.34 17.19
C GLU C 143 -4.03 -35.69 16.95
N GLN C 144 -3.43 -35.83 15.77
CA GLN C 144 -2.75 -37.07 15.41
C GLN C 144 -1.27 -37.04 15.77
N GLY C 145 -0.75 -35.86 16.06
CA GLY C 145 0.65 -35.75 16.45
C GLY C 145 1.63 -35.14 15.46
N GLU C 146 1.36 -35.27 14.17
CA GLU C 146 2.25 -34.71 13.15
C GLU C 146 2.43 -33.21 13.28
N GLU C 147 3.40 -32.67 12.56
CA GLU C 147 3.67 -31.26 12.59
C GLU C 147 3.19 -30.65 11.28
N TYR C 148 3.16 -29.33 11.21
CA TYR C 148 2.68 -28.64 10.01
C TYR C 148 3.79 -27.92 9.25
N VAL C 149 3.72 -27.95 7.93
CA VAL C 149 4.72 -27.30 7.10
C VAL C 149 4.07 -26.41 6.05
N ASP C 150 4.85 -25.44 5.55
CA ASP C 150 4.40 -24.50 4.51
C ASP C 150 2.90 -24.55 4.36
N GLY C 151 2.45 -24.93 3.17
CA GLY C 151 1.04 -25.04 2.91
C GLY C 151 0.69 -26.44 2.46
N MET C 152 1.07 -27.43 3.28
CA MET C 152 0.80 -28.82 2.96
C MET C 152 -0.68 -29.11 2.77
N GLU C 153 -1.52 -28.24 3.32
CA GLU C 153 -2.96 -28.40 3.24
C GLU C 153 -3.45 -28.64 1.81
N TRP C 154 -2.71 -28.12 0.83
CA TRP C 154 -3.12 -28.27 -0.57
C TRP C 154 -2.37 -29.31 -1.38
N TRP C 155 -1.35 -29.93 -0.79
CA TRP C 155 -0.58 -30.93 -1.52
C TRP C 155 -1.41 -32.12 -1.95
N ASN C 156 -2.23 -32.64 -1.06
CA ASN C 156 -3.05 -33.79 -1.39
C ASN C 156 -4.51 -33.58 -1.07
N PHE C 157 -5.36 -34.28 -1.82
CA PHE C 157 -6.79 -34.23 -1.66
C PHE C 157 -7.19 -35.02 -0.41
N ASN C 158 -8.32 -34.67 0.16
CA ASN C 158 -8.84 -35.35 1.34
C ASN C 158 -10.29 -34.93 1.42
N GLU C 159 -11.10 -35.70 2.11
CA GLU C 159 -12.52 -35.40 2.21
C GLU C 159 -12.88 -34.14 3.01
N GLU C 160 -11.90 -33.54 3.67
CA GLU C 160 -12.14 -32.30 4.41
C GLU C 160 -12.17 -31.19 3.37
N MET C 161 -11.30 -31.36 2.38
CA MET C 161 -11.19 -30.43 1.26
C MET C 161 -12.48 -30.51 0.45
N MET C 162 -12.97 -31.73 0.27
CA MET C 162 -14.18 -32.00 -0.49
C MET C 162 -15.38 -31.33 0.19
N ASP C 163 -15.42 -31.37 1.51
CA ASP C 163 -16.53 -30.75 2.23
C ASP C 163 -16.58 -29.25 2.01
N TYR C 164 -15.42 -28.60 2.03
CA TYR C 164 -15.35 -27.16 1.79
C TYR C 164 -15.76 -26.93 0.35
N ASN C 165 -15.30 -27.80 -0.54
CA ASN C 165 -15.63 -27.68 -1.96
C ASN C 165 -17.15 -27.65 -2.14
N VAL C 166 -17.85 -28.48 -1.39
CA VAL C 166 -19.32 -28.52 -1.48
C VAL C 166 -19.94 -27.26 -0.91
N GLN C 167 -19.52 -26.87 0.30
CA GLN C 167 -20.06 -25.67 0.93
C GLN C 167 -19.82 -24.43 0.10
N ASP C 168 -18.73 -24.40 -0.65
CA ASP C 168 -18.46 -23.24 -1.50
C ASP C 168 -19.65 -23.12 -2.44
N VAL C 169 -20.01 -24.23 -3.06
CA VAL C 169 -21.13 -24.21 -3.98
C VAL C 169 -22.45 -23.84 -3.31
N VAL C 170 -22.77 -24.44 -2.17
CA VAL C 170 -24.03 -24.09 -1.53
C VAL C 170 -24.00 -22.61 -1.20
N VAL C 171 -22.82 -22.10 -0.83
CA VAL C 171 -22.71 -20.69 -0.49
C VAL C 171 -22.74 -19.82 -1.74
N THR C 172 -22.13 -20.29 -2.83
CA THR C 172 -22.12 -19.52 -4.07
C THR C 172 -23.52 -19.47 -4.64
N LYS C 173 -24.29 -20.53 -4.42
CA LYS C 173 -25.67 -20.58 -4.90
C LYS C 173 -26.51 -19.53 -4.18
N ALA C 174 -26.35 -19.45 -2.87
CA ALA C 174 -27.11 -18.45 -2.14
C ALA C 174 -26.72 -17.04 -2.60
N LEU C 175 -25.42 -16.78 -2.73
CA LEU C 175 -24.95 -15.47 -3.18
C LEU C 175 -25.56 -15.13 -4.54
N LEU C 176 -25.61 -16.12 -5.44
CA LEU C 176 -26.15 -15.92 -6.77
C LEU C 176 -27.60 -15.50 -6.71
N GLU C 177 -28.36 -16.17 -5.87
CA GLU C 177 -29.78 -15.89 -5.73
C GLU C 177 -30.05 -14.56 -5.07
N LYS C 178 -29.21 -14.20 -4.11
CA LYS C 178 -29.35 -12.94 -3.42
C LYS C 178 -29.10 -11.81 -4.41
N LEU C 179 -28.07 -11.96 -5.24
CA LEU C 179 -27.73 -10.96 -6.23
C LEU C 179 -28.81 -10.84 -7.31
N LEU C 180 -29.31 -11.97 -7.79
CA LEU C 180 -30.34 -11.94 -8.81
C LEU C 180 -31.64 -11.26 -8.33
N SER C 181 -31.90 -11.29 -7.03
CA SER C 181 -33.13 -10.71 -6.51
C SER C 181 -33.18 -9.18 -6.55
N ASP C 182 -32.07 -8.54 -6.93
CA ASP C 182 -32.03 -7.09 -7.03
C ASP C 182 -32.71 -6.69 -8.33
N LYS C 183 -33.92 -6.16 -8.22
CA LYS C 183 -34.72 -5.74 -9.37
C LYS C 183 -34.10 -4.66 -10.25
N HIS C 184 -33.07 -3.99 -9.75
CA HIS C 184 -32.42 -2.94 -10.55
C HIS C 184 -31.56 -3.50 -11.67
N TYR C 185 -31.09 -4.74 -11.51
CA TYR C 185 -30.23 -5.36 -12.49
C TYR C 185 -30.87 -6.51 -13.25
N PHE C 186 -31.81 -7.17 -12.58
CA PHE C 186 -32.53 -8.30 -13.17
C PHE C 186 -34.05 -8.12 -13.04
N PRO C 187 -34.76 -7.92 -14.16
CA PRO C 187 -36.22 -7.75 -14.08
C PRO C 187 -36.84 -8.95 -13.37
N PRO C 188 -37.72 -8.69 -12.39
CA PRO C 188 -38.39 -9.71 -11.60
C PRO C 188 -39.35 -10.69 -12.29
N GLU C 189 -39.75 -10.39 -13.52
CA GLU C 189 -40.66 -11.29 -14.21
C GLU C 189 -39.90 -12.45 -14.84
N ILE C 190 -38.58 -12.45 -14.64
CA ILE C 190 -37.75 -13.50 -15.22
C ILE C 190 -36.97 -14.29 -14.20
N ASP C 191 -36.94 -15.60 -14.39
CA ASP C 191 -36.20 -16.50 -13.52
C ASP C 191 -34.86 -16.66 -14.22
N PHE C 192 -33.85 -15.91 -13.79
CA PHE C 192 -32.53 -15.99 -14.41
C PHE C 192 -31.76 -17.28 -14.11
N THR C 193 -32.39 -18.22 -13.39
CA THR C 193 -31.72 -19.49 -13.12
C THR C 193 -32.34 -20.54 -14.03
N ASP C 194 -33.23 -20.09 -14.91
CA ASP C 194 -33.91 -20.98 -15.83
C ASP C 194 -33.99 -20.38 -17.24
N VAL C 195 -32.89 -19.78 -17.69
CA VAL C 195 -32.82 -19.18 -19.02
C VAL C 195 -31.49 -19.49 -19.72
N GLY C 196 -31.52 -19.47 -21.05
CA GLY C 196 -30.32 -19.72 -21.82
C GLY C 196 -29.38 -18.52 -21.70
N TYR C 197 -28.11 -18.72 -22.05
CA TYR C 197 -27.14 -17.64 -21.93
C TYR C 197 -27.48 -16.36 -22.69
N THR C 198 -27.95 -16.46 -23.92
CA THR C 198 -28.27 -15.25 -24.67
C THR C 198 -29.38 -14.44 -23.98
N THR C 199 -30.32 -15.14 -23.35
CA THR C 199 -31.41 -14.48 -22.63
C THR C 199 -30.87 -13.79 -21.38
N PHE C 200 -30.00 -14.46 -20.64
CA PHE C 200 -29.45 -13.90 -19.42
C PHE C 200 -28.73 -12.57 -19.65
N TRP C 201 -27.96 -12.48 -20.73
CA TRP C 201 -27.23 -11.26 -21.03
C TRP C 201 -28.14 -10.16 -21.55
N SER C 202 -29.01 -10.49 -22.50
CA SER C 202 -29.90 -9.51 -23.10
C SER C 202 -31.04 -8.97 -22.23
N GLU C 203 -31.50 -9.75 -21.25
CA GLU C 203 -32.62 -9.30 -20.39
C GLU C 203 -32.15 -8.58 -19.14
N SER C 204 -30.84 -8.56 -18.94
CA SER C 204 -30.29 -7.92 -17.75
C SER C 204 -29.68 -6.56 -18.03
N LEU C 205 -29.55 -5.75 -16.98
CA LEU C 205 -28.97 -4.41 -17.11
C LEU C 205 -27.66 -4.52 -17.89
N GLU C 206 -27.50 -3.67 -18.90
CA GLU C 206 -26.29 -3.67 -19.71
C GLU C 206 -25.03 -3.84 -18.85
N ALA C 207 -25.04 -3.23 -17.68
CA ALA C 207 -23.92 -3.29 -16.77
C ALA C 207 -23.43 -4.71 -16.46
N VAL C 208 -24.35 -5.65 -16.36
CA VAL C 208 -23.99 -7.03 -16.07
C VAL C 208 -23.10 -7.62 -17.16
N ASP C 209 -23.48 -7.35 -18.42
CA ASP C 209 -22.70 -7.85 -19.55
C ASP C 209 -21.33 -7.21 -19.60
N ILE C 210 -21.31 -5.88 -19.52
CA ILE C 210 -20.06 -5.14 -19.55
C ILE C 210 -19.07 -5.65 -18.50
N GLU C 211 -19.50 -5.70 -17.24
CA GLU C 211 -18.62 -6.17 -16.18
C GLU C 211 -18.04 -7.58 -16.41
N HIS C 212 -18.85 -8.50 -16.93
CA HIS C 212 -18.36 -9.86 -17.17
C HIS C 212 -17.35 -9.89 -18.32
N ARG C 213 -17.53 -9.01 -19.29
CA ARG C 213 -16.61 -8.94 -20.42
C ARG C 213 -15.30 -8.36 -19.94
N ALA C 214 -15.40 -7.26 -19.20
CA ALA C 214 -14.20 -6.62 -18.66
C ALA C 214 -13.40 -7.63 -17.85
N ALA C 215 -14.07 -8.35 -16.96
CA ALA C 215 -13.40 -9.33 -16.13
C ALA C 215 -12.75 -10.44 -16.95
N TRP C 216 -13.42 -10.87 -18.00
CA TRP C 216 -12.86 -11.93 -18.83
C TRP C 216 -11.58 -11.42 -19.46
N LEU C 217 -11.68 -10.24 -20.07
CA LEU C 217 -10.53 -9.63 -20.74
C LEU C 217 -9.37 -9.31 -19.81
N LEU C 218 -9.68 -8.76 -18.64
CA LEU C 218 -8.65 -8.40 -17.67
C LEU C 218 -7.96 -9.60 -17.03
N ALA C 219 -8.67 -10.71 -16.83
CA ALA C 219 -8.03 -11.89 -16.25
C ALA C 219 -6.94 -12.30 -17.25
N LYS C 220 -7.27 -12.21 -18.54
CA LYS C 220 -6.34 -12.55 -19.61
C LYS C 220 -5.10 -11.64 -19.52
N GLN C 221 -5.34 -10.35 -19.33
CA GLN C 221 -4.26 -9.40 -19.22
C GLN C 221 -3.31 -9.79 -18.10
N GLU C 222 -3.89 -10.17 -16.96
CA GLU C 222 -3.11 -10.60 -15.80
C GLU C 222 -2.21 -11.75 -16.22
N ARG C 223 -2.79 -12.74 -16.89
CA ARG C 223 -2.03 -13.88 -17.37
C ARG C 223 -0.90 -13.43 -18.30
N ASN C 224 -1.16 -12.43 -19.14
CA ASN C 224 -0.13 -11.93 -20.05
C ASN C 224 1.03 -11.36 -19.25
N GLY C 225 0.71 -10.45 -18.33
CA GLY C 225 1.74 -9.82 -17.53
C GLY C 225 2.42 -8.70 -18.30
N PHE C 226 3.20 -7.89 -17.59
CA PHE C 226 3.92 -6.78 -18.20
C PHE C 226 5.40 -7.13 -18.28
N PRO C 227 5.94 -7.25 -19.51
CA PRO C 227 7.38 -7.58 -19.69
C PRO C 227 8.20 -6.58 -18.88
N PHE C 228 8.98 -7.10 -17.93
CA PHE C 228 9.78 -6.30 -17.03
C PHE C 228 11.27 -6.52 -17.20
N ASP C 229 12.04 -5.43 -17.25
CA ASP C 229 13.50 -5.50 -17.39
C ASP C 229 14.16 -5.63 -16.01
N THR C 230 14.07 -6.82 -15.43
CA THR C 230 14.64 -7.12 -14.12
C THR C 230 16.07 -6.63 -13.95
N LYS C 231 16.90 -6.92 -14.94
CA LYS C 231 18.30 -6.52 -14.90
C LYS C 231 18.45 -5.01 -14.68
N ALA C 232 17.78 -4.23 -15.51
CA ALA C 232 17.88 -2.79 -15.42
C ALA C 232 17.50 -2.26 -14.03
N ILE C 233 16.32 -2.64 -13.55
CA ILE C 233 15.88 -2.18 -12.24
C ILE C 233 16.84 -2.69 -11.18
N GLU C 234 17.44 -3.84 -11.44
CA GLU C 234 18.39 -4.42 -10.52
C GLU C 234 19.62 -3.52 -10.43
N GLU C 235 20.08 -2.99 -11.55
CA GLU C 235 21.24 -2.12 -11.54
C GLU C 235 20.87 -0.74 -10.98
N LEU C 236 19.60 -0.36 -11.13
CA LEU C 236 19.14 0.92 -10.61
C LEU C 236 19.11 0.83 -9.08
N TYR C 237 18.76 -0.34 -8.59
CA TYR C 237 18.71 -0.53 -7.14
C TYR C 237 20.13 -0.35 -6.61
N VAL C 238 21.11 -0.87 -7.35
CA VAL C 238 22.50 -0.73 -6.94
C VAL C 238 22.90 0.75 -6.91
N GLU C 239 22.46 1.51 -7.91
CA GLU C 239 22.79 2.94 -7.98
C GLU C 239 22.13 3.70 -6.82
N LEU C 240 20.83 3.46 -6.61
CA LEU C 240 20.09 4.13 -5.55
C LEU C 240 20.57 3.77 -4.15
N ALA C 241 20.92 2.50 -3.94
CA ALA C 241 21.40 2.07 -2.64
C ALA C 241 22.70 2.78 -2.24
N ALA C 242 23.61 2.94 -3.21
CA ALA C 242 24.88 3.60 -2.95
C ALA C 242 24.61 5.05 -2.58
N ARG C 243 23.71 5.69 -3.33
CA ARG C 243 23.39 7.09 -3.07
C ARG C 243 22.74 7.27 -1.70
N ARG C 244 21.96 6.27 -1.26
CA ARG C 244 21.33 6.36 0.05
C ARG C 244 22.41 6.23 1.14
N SER C 245 23.36 5.33 0.92
CA SER C 245 24.45 5.12 1.87
C SER C 245 25.24 6.40 2.10
N GLU C 246 25.56 7.09 1.01
CA GLU C 246 26.33 8.31 1.10
C GLU C 246 25.59 9.40 1.86
N LEU C 247 24.28 9.55 1.59
CA LEU C 247 23.49 10.57 2.26
C LEU C 247 23.31 10.21 3.73
N LEU C 248 23.16 8.94 4.02
CA LEU C 248 22.99 8.54 5.39
C LEU C 248 24.28 8.83 6.15
N ARG C 249 25.40 8.68 5.46
CA ARG C 249 26.70 8.93 6.08
C ARG C 249 26.80 10.40 6.48
N LYS C 250 26.50 11.27 5.53
CA LYS C 250 26.54 12.70 5.75
C LYS C 250 25.51 13.12 6.79
N LEU C 251 24.31 12.59 6.70
CA LEU C 251 23.28 12.96 7.65
C LEU C 251 23.57 12.52 9.09
N THR C 252 24.00 11.28 9.28
CA THR C 252 24.29 10.78 10.62
C THR C 252 25.49 11.51 11.20
N GLU C 253 26.27 12.11 10.32
CA GLU C 253 27.45 12.87 10.72
C GLU C 253 27.04 14.30 11.11
N THR C 254 26.13 14.87 10.32
CA THR C 254 25.63 16.22 10.59
C THR C 254 24.76 16.21 11.85
N PHE C 255 23.89 15.21 11.98
CA PHE C 255 23.01 15.08 13.14
C PHE C 255 23.45 13.88 13.96
N GLY C 256 23.98 14.15 15.14
CA GLY C 256 24.46 13.06 15.98
C GLY C 256 23.37 12.22 16.62
N SER C 257 23.71 10.97 16.93
CA SER C 257 22.77 10.07 17.57
C SER C 257 22.44 10.63 18.95
N TRP C 258 21.56 9.92 19.67
CA TRP C 258 21.14 10.35 21.01
C TRP C 258 20.39 9.23 21.71
N TYR C 259 20.15 9.40 23.01
CA TYR C 259 19.45 8.40 23.81
C TYR C 259 18.01 8.79 24.14
N GLN C 260 17.20 7.79 24.47
CA GLN C 260 15.78 8.00 24.80
C GLN C 260 15.30 6.94 25.77
N PRO C 261 14.33 7.30 26.63
CA PRO C 261 13.79 6.35 27.59
C PRO C 261 13.13 5.23 26.79
N LYS C 262 13.17 4.00 27.31
CA LYS C 262 12.57 2.86 26.62
C LYS C 262 12.56 1.62 27.54
N GLY C 263 11.40 1.01 27.70
CA GLY C 263 11.30 -0.18 28.53
C GLY C 263 10.98 0.09 29.98
N GLY C 264 10.63 1.33 30.30
CA GLY C 264 10.31 1.66 31.67
C GLY C 264 8.93 1.16 32.07
N THR C 265 8.89 0.17 32.96
CA THR C 265 7.61 -0.38 33.40
C THR C 265 7.01 0.42 34.56
N GLU C 266 7.79 0.56 35.63
CA GLU C 266 7.36 1.29 36.81
C GLU C 266 7.43 2.79 36.59
N MET C 267 6.78 3.54 37.48
CA MET C 267 6.77 4.98 37.40
C MET C 267 7.68 5.58 38.46
N PHE C 268 8.35 6.67 38.11
CA PHE C 268 9.24 7.34 39.04
C PHE C 268 8.44 8.12 40.06
N CYS C 269 8.81 7.95 41.33
CA CYS C 269 8.12 8.62 42.41
C CYS C 269 9.07 9.51 43.21
N HIS C 270 8.56 10.66 43.62
CA HIS C 270 9.32 11.64 44.39
C HIS C 270 9.93 11.01 45.63
N PRO C 271 11.23 11.28 45.88
CA PRO C 271 11.90 10.72 47.06
C PRO C 271 11.42 11.42 48.33
N ARG C 272 11.34 12.74 48.27
CA ARG C 272 10.88 13.53 49.43
C ARG C 272 9.55 12.97 49.91
N THR C 273 8.49 13.27 49.16
CA THR C 273 7.14 12.80 49.49
C THR C 273 6.95 11.35 49.06
N GLY C 274 6.29 11.18 47.92
CA GLY C 274 6.03 9.85 47.39
C GLY C 274 5.21 10.11 46.14
N LYS C 275 4.92 11.38 45.94
CA LYS C 275 4.14 11.86 44.80
C LYS C 275 4.65 11.30 43.48
N PRO C 276 3.84 10.49 42.80
CA PRO C 276 4.24 9.93 41.51
C PRO C 276 4.49 11.08 40.53
N LEU C 277 5.58 10.99 39.78
CA LEU C 277 5.93 12.02 38.80
C LEU C 277 5.83 11.44 37.39
N PRO C 278 4.61 11.42 36.82
CA PRO C 278 4.35 10.91 35.47
C PRO C 278 5.23 11.50 34.39
N LYS C 279 5.53 12.78 34.51
CA LYS C 279 6.36 13.49 33.54
C LYS C 279 7.71 12.82 33.30
N TYR C 280 8.35 12.39 34.38
CA TYR C 280 9.64 11.71 34.28
C TYR C 280 9.50 10.38 33.55
N PRO C 281 10.53 10.00 32.78
CA PRO C 281 10.51 8.73 32.06
C PRO C 281 10.20 7.58 33.00
N ARG C 282 9.69 6.48 32.46
CA ARG C 282 9.36 5.31 33.27
C ARG C 282 10.67 4.68 33.71
N ILE C 283 10.71 4.16 34.94
CA ILE C 283 11.92 3.55 35.45
C ILE C 283 11.80 2.04 35.64
N LYS C 284 12.87 1.44 36.13
CA LYS C 284 12.91 0.00 36.36
C LYS C 284 13.67 -0.27 37.65
N THR C 285 12.96 -0.70 38.69
CA THR C 285 13.60 -1.00 39.97
C THR C 285 13.92 -2.48 40.01
N PRO C 286 15.19 -2.84 39.76
CA PRO C 286 15.58 -4.26 39.78
C PRO C 286 15.53 -4.85 41.18
N LYS C 287 15.40 -6.17 41.23
CA LYS C 287 15.34 -6.89 42.50
C LYS C 287 16.26 -8.11 42.43
N VAL C 288 17.25 -8.04 41.56
CA VAL C 288 18.22 -9.12 41.38
C VAL C 288 19.62 -8.56 41.15
N GLY C 289 20.46 -8.62 42.18
CA GLY C 289 21.81 -8.12 42.04
C GLY C 289 22.40 -7.54 43.31
N GLY C 290 23.70 -7.71 43.47
CA GLY C 290 24.38 -7.20 44.64
C GLY C 290 25.87 -7.02 44.37
N ILE C 291 26.60 -6.57 45.38
CA ILE C 291 28.04 -6.37 45.21
C ILE C 291 28.69 -7.73 44.93
N PHE C 292 28.70 -8.61 45.93
CA PHE C 292 29.28 -9.94 45.77
C PHE C 292 28.18 -10.99 45.58
N LYS C 293 28.58 -12.18 45.15
CA LYS C 293 27.67 -13.29 44.94
C LYS C 293 27.58 -14.04 46.27
N LYS C 294 26.73 -15.06 46.31
CA LYS C 294 26.59 -15.86 47.52
C LYS C 294 27.86 -16.71 47.67
N PRO C 295 28.34 -16.90 48.91
CA PRO C 295 29.54 -17.68 49.19
C PRO C 295 29.53 -19.07 48.56
N LYS C 296 30.70 -19.50 48.07
CA LYS C 296 30.81 -20.80 47.43
C LYS C 296 31.74 -21.77 48.15
N ASN C 297 32.60 -21.23 49.03
CA ASN C 297 33.55 -22.04 49.78
C ASN C 297 33.18 -22.12 51.26
N LYS C 298 34.00 -22.85 52.02
CA LYS C 298 33.81 -22.98 53.46
C LYS C 298 34.42 -21.70 54.04
N ALA C 299 35.39 -21.17 53.31
CA ALA C 299 36.07 -19.95 53.71
C ALA C 299 35.14 -18.76 53.53
N GLN C 300 34.53 -18.64 52.35
CA GLN C 300 33.61 -17.54 52.06
C GLN C 300 32.41 -17.56 53.02
N ARG C 301 31.87 -18.74 53.24
CA ARG C 301 30.73 -18.91 54.13
C ARG C 301 31.06 -18.43 55.53
N GLU C 302 32.36 -18.37 55.83
CA GLU C 302 32.80 -17.93 57.15
C GLU C 302 33.41 -16.53 57.18
N GLY C 303 33.68 -15.97 56.01
CA GLY C 303 34.25 -14.62 55.96
C GLY C 303 35.76 -14.58 55.88
N ARG C 304 36.37 -15.75 55.65
CA ARG C 304 37.82 -15.83 55.56
C ARG C 304 38.27 -15.62 54.11
N GLU C 305 37.29 -15.58 53.21
CA GLU C 305 37.56 -15.40 51.79
C GLU C 305 36.49 -14.54 51.12
N PRO C 306 36.88 -13.40 50.53
CA PRO C 306 35.91 -12.52 49.87
C PRO C 306 35.04 -13.26 48.86
N CYS C 307 33.72 -13.12 48.98
CA CYS C 307 32.80 -13.79 48.07
C CYS C 307 33.04 -13.33 46.63
N GLU C 308 32.54 -14.11 45.68
CA GLU C 308 32.69 -13.82 44.25
C GLU C 308 31.95 -12.52 43.93
N LEU C 309 32.64 -11.56 43.32
CA LEU C 309 31.99 -10.29 42.97
C LEU C 309 30.90 -10.53 41.93
N ASP C 310 29.79 -9.81 42.06
CA ASP C 310 28.67 -9.96 41.15
C ASP C 310 28.84 -9.12 39.88
N THR C 311 29.06 -9.82 38.77
CA THR C 311 29.24 -9.18 37.46
C THR C 311 27.88 -8.83 36.85
N ARG C 312 26.82 -9.01 37.64
CA ARG C 312 25.48 -8.70 37.16
C ARG C 312 25.46 -7.34 36.47
N GLU C 313 25.41 -6.28 37.27
CA GLU C 313 25.38 -4.91 36.76
C GLU C 313 24.50 -4.11 37.70
N TYR C 314 23.23 -4.50 37.74
CA TYR C 314 22.26 -3.83 38.60
C TYR C 314 22.40 -4.21 40.06
N VAL C 315 21.66 -3.52 40.91
CA VAL C 315 21.67 -3.78 42.34
C VAL C 315 20.24 -3.68 42.88
N ALA C 316 19.69 -4.82 43.28
CA ALA C 316 18.33 -4.88 43.81
C ALA C 316 18.00 -3.67 44.68
N GLY C 317 16.95 -2.94 44.29
CA GLY C 317 16.54 -1.77 45.03
C GLY C 317 16.92 -0.45 44.38
N ALA C 318 18.04 -0.46 43.67
CA ALA C 318 18.54 0.73 42.98
C ALA C 318 17.84 0.95 41.64
N PRO C 319 16.89 1.90 41.60
CA PRO C 319 16.14 2.21 40.37
C PRO C 319 16.97 2.92 39.33
N TYR C 320 16.79 2.53 38.07
CA TYR C 320 17.51 3.14 36.97
C TYR C 320 16.51 3.38 35.85
N THR C 321 16.86 4.25 34.91
CA THR C 321 15.98 4.56 33.80
C THR C 321 16.51 3.85 32.55
N PRO C 322 15.77 2.86 32.03
CA PRO C 322 16.25 2.17 30.83
C PRO C 322 16.17 3.12 29.63
N VAL C 323 17.17 3.04 28.75
CA VAL C 323 17.20 3.91 27.59
C VAL C 323 17.71 3.21 26.35
N GLU C 324 17.32 3.71 25.19
CA GLU C 324 17.75 3.13 23.93
C GLU C 324 18.62 4.15 23.19
N HIS C 325 19.60 3.66 22.46
CA HIS C 325 20.46 4.55 21.70
C HIS C 325 19.92 4.60 20.28
N VAL C 326 19.42 5.76 19.89
CA VAL C 326 18.88 5.92 18.54
C VAL C 326 19.80 6.69 17.62
N VAL C 327 19.90 6.23 16.38
CA VAL C 327 20.73 6.87 15.36
C VAL C 327 19.81 7.56 14.35
N PHE C 328 20.07 8.84 14.09
CA PHE C 328 19.26 9.63 13.15
C PHE C 328 18.78 8.85 11.94
N ASN C 329 17.46 8.78 11.77
CA ASN C 329 16.85 8.07 10.66
C ASN C 329 16.09 9.06 9.77
N PRO C 330 16.67 9.41 8.60
CA PRO C 330 16.06 10.35 7.66
C PRO C 330 14.63 10.00 7.26
N SER C 331 14.24 8.75 7.41
CA SER C 331 12.89 8.32 7.05
C SER C 331 11.88 8.56 8.16
N SER C 332 12.37 8.99 9.31
CA SER C 332 11.49 9.26 10.44
C SER C 332 11.17 10.74 10.56
N ARG C 333 9.94 11.10 10.25
CA ARG C 333 9.54 12.51 10.34
C ARG C 333 9.67 13.03 11.76
N ASP C 334 9.70 12.11 12.71
CA ASP C 334 9.83 12.46 14.12
C ASP C 334 11.26 12.97 14.38
N HIS C 335 12.24 12.34 13.74
CA HIS C 335 13.63 12.75 13.88
C HIS C 335 13.88 14.10 13.21
N ILE C 336 13.53 14.18 11.93
CA ILE C 336 13.71 15.40 11.17
C ILE C 336 13.17 16.58 11.96
N GLN C 337 11.98 16.41 12.51
CA GLN C 337 11.32 17.45 13.30
C GLN C 337 12.10 17.79 14.58
N LYS C 338 12.64 16.77 15.23
CA LYS C 338 13.38 16.99 16.45
C LYS C 338 14.65 17.79 16.17
N LYS C 339 15.45 17.28 15.24
CA LYS C 339 16.71 17.94 14.88
C LYS C 339 16.50 19.35 14.39
N LEU C 340 15.53 19.54 13.49
CA LEU C 340 15.28 20.86 12.94
C LEU C 340 14.80 21.90 13.94
N GLN C 341 14.07 21.47 14.96
CA GLN C 341 13.61 22.43 15.95
C GLN C 341 14.80 22.82 16.81
N GLU C 342 15.66 21.84 17.11
CA GLU C 342 16.84 22.10 17.92
C GLU C 342 17.83 22.98 17.16
N ALA C 343 17.43 23.43 15.99
CA ALA C 343 18.28 24.28 15.17
C ALA C 343 17.57 25.62 14.95
N GLY C 344 16.49 25.83 15.68
CA GLY C 344 15.76 27.08 15.58
C GLY C 344 14.50 27.06 14.73
N TRP C 345 14.20 25.93 14.08
CA TRP C 345 13.01 25.86 13.25
C TRP C 345 11.74 25.99 14.08
N VAL C 346 10.82 26.80 13.58
CA VAL C 346 9.55 27.02 14.25
C VAL C 346 8.43 26.62 13.29
N PRO C 347 7.81 25.45 13.52
CA PRO C 347 6.72 24.96 12.68
C PRO C 347 5.51 25.89 12.65
N THR C 348 4.86 25.95 11.49
CA THR C 348 3.67 26.78 11.35
C THR C 348 2.54 25.94 10.75
N LYS C 349 2.72 24.62 10.79
CA LYS C 349 1.72 23.68 10.27
C LYS C 349 1.74 22.36 11.03
N TYR C 350 0.69 22.10 11.81
CA TYR C 350 0.61 20.87 12.56
C TYR C 350 -0.52 19.99 12.04
N THR C 351 -0.65 18.80 12.60
CA THR C 351 -1.69 17.88 12.18
C THR C 351 -2.81 17.79 13.22
N ASP C 352 -3.86 17.06 12.89
CA ASP C 352 -4.99 16.88 13.79
C ASP C 352 -4.52 16.48 15.18
N LYS C 353 -3.54 15.58 15.23
CA LYS C 353 -3.02 15.11 16.50
C LYS C 353 -1.87 15.95 17.05
N GLY C 354 -1.79 17.19 16.59
CA GLY C 354 -0.78 18.13 17.06
C GLY C 354 0.65 17.95 16.57
N ALA C 355 0.89 16.97 15.71
CA ALA C 355 2.24 16.74 15.20
C ALA C 355 2.59 17.76 14.11
N PRO C 356 3.81 18.33 14.19
CA PRO C 356 4.25 19.30 13.19
C PRO C 356 4.42 18.61 11.85
N VAL C 357 3.79 19.17 10.82
CA VAL C 357 3.84 18.60 9.48
C VAL C 357 5.24 18.58 8.92
N VAL C 358 5.64 17.43 8.37
CA VAL C 358 6.98 17.32 7.79
C VAL C 358 6.98 16.60 6.45
N ASP C 359 6.58 17.32 5.42
CA ASP C 359 6.56 16.80 4.06
C ASP C 359 7.55 17.63 3.26
N ASP C 360 7.73 17.34 1.98
CA ASP C 360 8.68 18.10 1.19
C ASP C 360 8.33 19.57 1.12
N GLU C 361 7.04 19.86 1.07
CA GLU C 361 6.58 21.25 1.00
C GLU C 361 7.15 22.08 2.15
N VAL C 362 6.97 21.64 3.38
CA VAL C 362 7.48 22.41 4.51
C VAL C 362 9.00 22.38 4.56
N LEU C 363 9.60 21.22 4.27
CA LEU C 363 11.05 21.11 4.29
C LEU C 363 11.63 22.12 3.31
N GLU C 364 10.96 22.24 2.17
CA GLU C 364 11.38 23.17 1.13
C GLU C 364 11.49 24.58 1.67
N GLY C 365 10.67 24.91 2.67
CA GLY C 365 10.69 26.24 3.24
C GLY C 365 11.37 26.41 4.57
N VAL C 366 11.83 25.33 5.19
CA VAL C 366 12.50 25.42 6.47
C VAL C 366 13.81 26.21 6.35
N ARG C 367 14.08 27.06 7.33
CA ARG C 367 15.29 27.87 7.34
C ARG C 367 15.93 27.94 8.72
N VAL C 368 17.17 27.48 8.84
CA VAL C 368 17.89 27.52 10.11
C VAL C 368 19.22 28.28 9.92
N ASP C 369 19.75 28.81 11.01
CA ASP C 369 20.99 29.57 10.94
C ASP C 369 22.21 28.76 10.48
N ASP C 370 22.47 27.63 11.15
CA ASP C 370 23.62 26.81 10.80
C ASP C 370 23.65 26.40 9.34
N PRO C 371 24.71 26.80 8.63
CA PRO C 371 24.89 26.50 7.21
C PRO C 371 24.91 25.00 6.91
N GLU C 372 25.58 24.24 7.76
CA GLU C 372 25.67 22.80 7.54
C GLU C 372 24.30 22.15 7.67
N LYS C 373 23.59 22.46 8.74
CA LYS C 373 22.26 21.89 8.95
C LYS C 373 21.29 22.36 7.89
N GLN C 374 21.44 23.60 7.45
CA GLN C 374 20.58 24.16 6.42
C GLN C 374 20.76 23.35 5.16
N ALA C 375 22.00 23.00 4.85
CA ALA C 375 22.31 22.20 3.67
C ALA C 375 21.86 20.75 3.85
N ALA C 376 21.84 20.28 5.10
CA ALA C 376 21.43 18.91 5.37
C ALA C 376 20.00 18.70 4.92
N ILE C 377 19.21 19.77 4.97
CA ILE C 377 17.82 19.71 4.55
C ILE C 377 17.72 19.25 3.10
N ASP C 378 18.53 19.81 2.21
CA ASP C 378 18.49 19.39 0.81
C ASP C 378 18.82 17.91 0.70
N LEU C 379 19.67 17.40 1.59
CA LEU C 379 20.04 15.98 1.58
C LEU C 379 18.90 15.10 2.08
N ILE C 380 18.13 15.62 3.04
CA ILE C 380 17.01 14.86 3.58
C ILE C 380 15.96 14.66 2.49
N LYS C 381 15.67 15.73 1.76
CA LYS C 381 14.69 15.66 0.69
C LYS C 381 15.13 14.66 -0.37
N GLU C 382 16.41 14.67 -0.74
CA GLU C 382 16.90 13.74 -1.73
C GLU C 382 16.73 12.33 -1.21
N TYR C 383 17.17 12.11 0.03
CA TYR C 383 17.08 10.81 0.67
C TYR C 383 15.66 10.24 0.63
N LEU C 384 14.68 11.08 0.93
CA LEU C 384 13.29 10.63 0.93
C LEU C 384 12.84 10.18 -0.46
N MET C 385 13.23 10.94 -1.47
CA MET C 385 12.86 10.61 -2.85
C MET C 385 13.57 9.33 -3.28
N ILE C 386 14.86 9.24 -2.99
CA ILE C 386 15.64 8.06 -3.34
C ILE C 386 14.98 6.85 -2.68
N GLN C 387 14.70 6.97 -1.40
CA GLN C 387 14.07 5.90 -0.64
C GLN C 387 12.75 5.48 -1.26
N LYS C 388 11.96 6.46 -1.70
CA LYS C 388 10.65 6.21 -2.29
C LYS C 388 10.79 5.28 -3.50
N ARG C 389 11.81 5.55 -4.31
CA ARG C 389 12.09 4.76 -5.50
C ARG C 389 12.53 3.35 -5.12
N ILE C 390 13.37 3.25 -4.09
CA ILE C 390 13.84 1.93 -3.65
C ILE C 390 12.64 1.18 -3.07
N GLY C 391 11.86 1.88 -2.26
CA GLY C 391 10.69 1.26 -1.67
C GLY C 391 9.81 0.57 -2.71
N GLN C 392 9.49 1.30 -3.77
CA GLN C 392 8.63 0.80 -4.83
C GLN C 392 9.30 -0.17 -5.79
N SER C 393 10.58 0.02 -6.06
CA SER C 393 11.27 -0.84 -7.01
C SER C 393 11.95 -2.09 -6.49
N ALA C 394 12.46 -2.04 -5.26
CA ALA C 394 13.18 -3.20 -4.75
C ALA C 394 12.92 -3.69 -3.34
N GLU C 395 12.79 -2.77 -2.39
CA GLU C 395 12.62 -3.17 -0.99
C GLU C 395 11.23 -3.39 -0.41
N GLY C 396 10.24 -2.58 -0.80
CA GLY C 396 8.90 -2.76 -0.26
C GLY C 396 8.36 -4.18 -0.40
N ASP C 397 7.31 -4.49 0.35
CA ASP C 397 6.72 -5.83 0.28
C ASP C 397 6.07 -6.10 -1.08
N LYS C 398 5.73 -5.02 -1.80
CA LYS C 398 5.10 -5.15 -3.10
C LYS C 398 6.02 -4.63 -4.20
N ALA C 399 7.32 -4.60 -3.94
CA ALA C 399 8.30 -4.08 -4.91
C ALA C 399 8.40 -4.93 -6.16
N TRP C 400 8.53 -4.23 -7.29
CA TRP C 400 8.62 -4.87 -8.60
C TRP C 400 9.52 -6.11 -8.63
N LEU C 401 10.71 -6.00 -8.05
CA LEU C 401 11.66 -7.12 -8.03
C LEU C 401 11.19 -8.31 -7.21
N ARG C 402 10.20 -8.12 -6.34
CA ARG C 402 9.67 -9.22 -5.54
C ARG C 402 8.49 -9.87 -6.25
N TYR C 403 8.09 -9.30 -7.38
CA TYR C 403 6.96 -9.81 -8.15
C TYR C 403 7.27 -10.29 -9.56
N VAL C 404 8.47 -10.01 -10.08
CA VAL C 404 8.82 -10.48 -11.41
C VAL C 404 8.71 -12.00 -11.38
N ALA C 405 8.08 -12.59 -12.39
CA ALA C 405 7.91 -14.03 -12.43
C ALA C 405 8.95 -14.73 -13.30
N GLU C 406 8.88 -16.04 -13.34
CA GLU C 406 9.80 -16.86 -14.13
C GLU C 406 9.82 -16.35 -15.57
N ASP C 407 8.64 -16.08 -16.14
CA ASP C 407 8.50 -15.61 -17.51
C ASP C 407 8.96 -14.17 -17.75
N GLY C 408 9.73 -13.61 -16.83
CA GLY C 408 10.22 -12.24 -16.98
C GLY C 408 9.14 -11.18 -17.14
N LYS C 409 8.02 -11.37 -16.46
CA LYS C 409 6.91 -10.43 -16.54
C LYS C 409 6.28 -10.25 -15.17
N ILE C 410 5.65 -9.10 -14.94
CA ILE C 410 4.98 -8.84 -13.67
C ILE C 410 3.48 -8.96 -13.92
N HIS C 411 2.85 -9.93 -13.25
CA HIS C 411 1.44 -10.17 -13.41
C HIS C 411 0.60 -9.47 -12.36
N GLY C 412 0.56 -8.15 -12.44
CA GLY C 412 -0.20 -7.36 -11.49
C GLY C 412 -1.67 -7.73 -11.50
N SER C 413 -2.31 -7.60 -10.35
CA SER C 413 -3.73 -7.92 -10.21
C SER C 413 -4.60 -6.72 -10.51
N VAL C 414 -5.82 -6.99 -10.96
CA VAL C 414 -6.74 -5.91 -11.22
C VAL C 414 -8.12 -6.31 -10.76
N ASN C 415 -8.74 -5.42 -9.99
CA ASN C 415 -10.11 -5.60 -9.52
C ASN C 415 -10.84 -4.68 -10.50
N PRO C 416 -11.39 -5.25 -11.57
CA PRO C 416 -12.10 -4.51 -12.61
C PRO C 416 -13.14 -3.48 -12.14
N ASN C 417 -13.72 -3.69 -10.97
CA ASN C 417 -14.72 -2.75 -10.47
C ASN C 417 -14.50 -2.43 -8.98
N GLY C 418 -13.24 -2.22 -8.60
CA GLY C 418 -12.89 -1.93 -7.22
C GLY C 418 -13.19 -0.55 -6.63
N ALA C 419 -13.51 0.44 -7.44
CA ALA C 419 -13.81 1.77 -6.91
C ALA C 419 -15.30 2.10 -7.11
N VAL C 420 -15.89 2.83 -6.15
CA VAL C 420 -17.32 3.20 -6.23
C VAL C 420 -17.79 3.66 -7.60
N THR C 421 -17.05 4.59 -8.18
CA THR C 421 -17.37 5.18 -9.48
C THR C 421 -17.45 4.24 -10.67
N GLY C 422 -16.82 3.08 -10.56
CA GLY C 422 -16.82 2.16 -11.68
C GLY C 422 -15.41 1.98 -12.18
N ARG C 423 -14.45 2.69 -11.59
CA ARG C 423 -13.07 2.53 -11.99
C ARG C 423 -12.60 1.18 -11.44
N ALA C 424 -11.47 0.72 -11.94
CA ALA C 424 -10.90 -0.52 -11.46
C ALA C 424 -9.82 -0.14 -10.45
N THR C 425 -9.32 -1.12 -9.71
CA THR C 425 -8.23 -0.88 -8.77
C THR C 425 -7.13 -1.84 -9.18
N HIS C 426 -5.89 -1.53 -8.80
CA HIS C 426 -4.76 -2.35 -9.20
C HIS C 426 -3.80 -2.57 -8.04
N ALA C 427 -3.29 -3.79 -7.90
CA ALA C 427 -2.37 -4.10 -6.81
C ALA C 427 -1.55 -5.35 -7.07
N PHE C 428 -0.52 -5.55 -6.24
CA PHE C 428 0.35 -6.71 -6.30
C PHE C 428 1.19 -6.92 -7.56
N PRO C 429 1.90 -5.89 -8.03
CA PRO C 429 1.96 -4.54 -7.45
C PRO C 429 0.95 -3.68 -8.21
N ASN C 430 0.79 -2.43 -7.80
CA ASN C 430 -0.15 -1.54 -8.47
C ASN C 430 0.52 -0.95 -9.70
N LEU C 431 0.31 -1.55 -10.86
CA LEU C 431 0.93 -1.05 -12.08
C LEU C 431 0.35 0.29 -12.53
N ALA C 432 -0.58 0.82 -11.73
CA ALA C 432 -1.21 2.10 -12.02
C ALA C 432 -0.62 3.20 -11.13
N GLN C 433 0.55 2.96 -10.54
CA GLN C 433 1.17 3.99 -9.72
C GLN C 433 2.67 3.97 -9.96
N ILE C 434 3.04 3.88 -11.23
CA ILE C 434 4.44 3.86 -11.61
C ILE C 434 4.92 5.28 -11.82
N PRO C 435 6.07 5.63 -11.23
CA PRO C 435 6.60 7.00 -11.38
C PRO C 435 6.49 7.56 -12.79
N GLY C 436 6.04 8.81 -12.90
CA GLY C 436 5.91 9.45 -14.20
C GLY C 436 7.26 9.68 -14.86
N VAL C 437 7.33 9.50 -16.19
CA VAL C 437 8.58 9.66 -16.92
C VAL C 437 9.38 10.91 -16.59
N ARG C 438 8.70 11.98 -16.20
CA ARG C 438 9.38 13.24 -15.90
C ARG C 438 9.81 13.41 -14.44
N SER C 439 9.36 12.53 -13.56
CA SER C 439 9.76 12.64 -12.16
C SER C 439 11.14 12.00 -12.02
N PRO C 440 11.86 12.32 -10.92
CA PRO C 440 13.19 11.75 -10.71
C PRO C 440 13.21 10.24 -10.89
N TYR C 441 14.07 9.76 -11.79
CA TYR C 441 14.21 8.34 -12.08
C TYR C 441 13.01 7.76 -12.81
N GLY C 442 12.08 8.65 -13.19
CA GLY C 442 10.90 8.21 -13.91
C GLY C 442 11.24 7.44 -15.18
N GLU C 443 12.12 7.99 -16.01
CA GLU C 443 12.51 7.33 -17.24
C GLU C 443 13.00 5.89 -17.06
N GLN C 444 13.91 5.70 -16.11
CA GLN C 444 14.43 4.36 -15.82
C GLN C 444 13.32 3.43 -15.37
N CYS C 445 12.46 3.88 -14.47
CA CYS C 445 11.36 3.05 -13.98
C CYS C 445 10.39 2.69 -15.09
N ARG C 446 9.95 3.70 -15.79
CA ARG C 446 9.00 3.55 -16.88
C ARG C 446 9.55 2.71 -18.03
N ALA C 447 10.83 2.92 -18.35
CA ALA C 447 11.46 2.17 -19.44
C ALA C 447 11.59 0.65 -19.12
N ALA C 448 11.62 0.32 -17.84
CA ALA C 448 11.75 -1.08 -17.44
C ALA C 448 10.45 -1.85 -17.71
N PHE C 449 9.38 -1.13 -18.01
CA PHE C 449 8.11 -1.76 -18.33
C PHE C 449 7.90 -1.60 -19.84
N GLY C 450 8.03 -2.69 -20.58
CA GLY C 450 7.85 -2.56 -22.02
C GLY C 450 7.91 -3.83 -22.85
N ALA C 451 7.18 -3.78 -23.97
CA ALA C 451 7.11 -4.91 -24.89
C ALA C 451 8.49 -5.32 -25.36
N GLU C 452 9.40 -4.35 -25.47
CA GLU C 452 10.75 -4.63 -25.93
C GLU C 452 11.45 -5.67 -25.05
N HIS C 453 11.00 -5.82 -23.82
CA HIS C 453 11.63 -6.74 -22.90
C HIS C 453 11.12 -8.18 -23.05
N HIS C 454 10.20 -8.37 -23.98
CA HIS C 454 9.67 -9.68 -24.27
C HIS C 454 10.17 -10.08 -25.66
N LEU C 455 10.72 -11.28 -25.78
CA LEU C 455 11.20 -11.74 -27.07
C LEU C 455 10.25 -12.78 -27.63
N ASP C 456 9.84 -12.58 -28.89
CA ASP C 456 8.90 -13.49 -29.54
C ASP C 456 9.32 -14.94 -29.34
N GLY C 457 8.36 -15.78 -28.99
CA GLY C 457 8.64 -17.19 -28.73
C GLY C 457 9.22 -17.97 -29.90
N ILE C 458 9.02 -17.47 -31.11
CA ILE C 458 9.51 -18.16 -32.30
C ILE C 458 10.74 -17.50 -32.91
N THR C 459 10.62 -16.23 -33.26
CA THR C 459 11.71 -15.49 -33.89
C THR C 459 12.75 -14.94 -32.93
N GLY C 460 12.35 -14.73 -31.69
CA GLY C 460 13.26 -14.19 -30.70
C GLY C 460 13.40 -12.68 -30.80
N LYS C 461 12.56 -12.06 -31.62
CA LYS C 461 12.61 -10.61 -31.78
C LYS C 461 11.78 -9.87 -30.73
N PRO C 462 12.23 -8.69 -30.31
CA PRO C 462 11.51 -7.88 -29.31
C PRO C 462 10.14 -7.43 -29.83
N TRP C 463 9.14 -7.43 -28.96
CA TRP C 463 7.82 -6.99 -29.34
C TRP C 463 7.76 -5.47 -29.31
N VAL C 464 6.72 -4.91 -29.91
CA VAL C 464 6.55 -3.45 -29.95
C VAL C 464 5.37 -3.05 -29.10
N GLN C 465 5.46 -1.87 -28.49
CA GLN C 465 4.40 -1.39 -27.60
C GLN C 465 3.46 -0.35 -28.21
N ALA C 466 2.17 -0.50 -27.94
CA ALA C 466 1.16 0.42 -28.44
C ALA C 466 0.48 1.03 -27.24
N GLY C 467 0.60 2.36 -27.11
CA GLY C 467 -0.02 3.04 -25.99
C GLY C 467 -1.12 3.98 -26.45
N ILE C 468 -2.29 3.85 -25.84
CA ILE C 468 -3.39 4.73 -26.21
C ILE C 468 -4.06 5.31 -24.95
N ASP C 469 -4.36 6.60 -25.00
CA ASP C 469 -4.98 7.26 -23.86
C ASP C 469 -6.11 8.16 -24.32
N ALA C 470 -7.23 8.11 -23.61
CA ALA C 470 -8.37 8.94 -23.97
C ALA C 470 -8.00 10.40 -23.74
N SER C 471 -8.31 11.25 -24.72
CA SER C 471 -7.99 12.68 -24.64
C SER C 471 -8.94 13.48 -23.77
N GLY C 472 -8.41 14.22 -22.80
CA GLY C 472 -9.23 15.02 -21.90
C GLY C 472 -10.56 14.40 -21.56
N LEU C 473 -10.51 13.12 -21.17
CA LEU C 473 -11.70 12.36 -20.84
C LEU C 473 -12.78 13.00 -19.96
N GLU C 474 -12.46 13.21 -18.69
CA GLU C 474 -13.44 13.76 -17.78
C GLU C 474 -13.91 15.15 -18.13
N LEU C 475 -13.08 15.93 -18.81
CA LEU C 475 -13.50 17.27 -19.22
C LEU C 475 -14.51 17.13 -20.37
N ARG C 476 -14.30 16.12 -21.23
CA ARG C 476 -15.22 15.88 -22.34
C ARG C 476 -16.49 15.29 -21.73
N CYS C 477 -16.35 14.62 -20.59
CA CYS C 477 -17.51 14.05 -19.91
C CYS C 477 -18.35 15.20 -19.37
N LEU C 478 -17.67 16.23 -18.88
CA LEU C 478 -18.34 17.41 -18.34
C LEU C 478 -19.13 18.07 -19.49
N ALA C 479 -18.44 18.29 -20.61
CA ALA C 479 -19.06 18.89 -21.80
C ALA C 479 -20.33 18.16 -22.19
N HIS C 480 -20.31 16.83 -22.11
CA HIS C 480 -21.49 16.04 -22.46
C HIS C 480 -22.62 16.42 -21.52
N PHE C 481 -22.36 16.32 -20.21
CA PHE C 481 -23.37 16.63 -19.23
C PHE C 481 -23.81 18.07 -19.15
N MET C 482 -22.99 19.02 -19.56
CA MET C 482 -23.51 20.37 -19.47
C MET C 482 -24.04 20.87 -20.81
N ALA C 483 -24.07 19.97 -21.78
CA ALA C 483 -24.55 20.32 -23.11
C ALA C 483 -26.01 20.75 -23.06
N ARG C 484 -26.76 20.20 -22.12
CA ARG C 484 -28.18 20.57 -21.99
C ARG C 484 -28.34 21.93 -21.38
N PHE C 485 -27.23 22.53 -20.97
CA PHE C 485 -27.26 23.85 -20.34
C PHE C 485 -26.60 24.91 -21.23
N ASP C 486 -25.54 24.52 -21.93
CA ASP C 486 -24.84 25.46 -22.80
C ASP C 486 -25.00 25.08 -24.26
N ASN C 487 -25.94 24.18 -24.51
CA ASN C 487 -26.23 23.71 -25.86
C ASN C 487 -25.04 23.23 -26.64
N GLY C 488 -24.06 22.66 -25.94
CA GLY C 488 -22.89 22.14 -26.63
C GLY C 488 -21.76 23.09 -26.94
N GLU C 489 -21.73 24.24 -26.28
CA GLU C 489 -20.66 25.19 -26.52
C GLU C 489 -19.34 24.55 -26.12
N TYR C 490 -19.22 24.22 -24.84
CA TYR C 490 -17.99 23.63 -24.33
C TYR C 490 -17.56 22.40 -25.12
N ALA C 491 -18.53 21.56 -25.47
CA ALA C 491 -18.28 20.34 -26.22
C ALA C 491 -17.65 20.65 -27.56
N HIS C 492 -17.86 21.87 -28.02
CA HIS C 492 -17.33 22.31 -29.30
C HIS C 492 -15.98 23.00 -29.09
N GLU C 493 -15.91 23.85 -28.06
CA GLU C 493 -14.68 24.59 -27.77
C GLU C 493 -13.54 23.71 -27.29
N ILE C 494 -13.87 22.67 -26.53
CA ILE C 494 -12.88 21.76 -25.98
C ILE C 494 -12.07 21.13 -27.12
N LEU C 495 -12.60 21.23 -28.34
CA LEU C 495 -11.95 20.66 -29.51
C LEU C 495 -11.13 21.65 -30.35
N ASN C 496 -10.95 22.87 -29.85
CA ASN C 496 -10.16 23.86 -30.57
C ASN C 496 -8.76 23.83 -29.94
N GLY C 497 -7.91 22.95 -30.47
CA GLY C 497 -6.56 22.80 -29.92
C GLY C 497 -6.66 21.94 -28.68
N ASP C 498 -5.55 21.40 -28.19
CA ASP C 498 -5.58 20.57 -27.00
C ASP C 498 -6.14 21.40 -25.84
N ILE C 499 -7.09 20.82 -25.11
CA ILE C 499 -7.72 21.54 -24.01
C ILE C 499 -6.76 21.88 -22.87
N HIS C 500 -5.97 20.91 -22.44
CA HIS C 500 -5.06 21.18 -21.32
C HIS C 500 -3.97 22.19 -21.65
N THR C 501 -3.40 22.10 -22.84
CA THR C 501 -2.35 23.02 -23.22
C THR C 501 -2.94 24.43 -23.31
N LYS C 502 -4.16 24.53 -23.84
CA LYS C 502 -4.82 25.81 -23.95
C LYS C 502 -5.03 26.41 -22.57
N ASN C 503 -5.56 25.61 -21.66
CA ASN C 503 -5.79 26.07 -20.30
C ASN C 503 -4.49 26.46 -19.63
N GLN C 504 -3.43 25.70 -19.95
CA GLN C 504 -2.12 25.97 -19.41
C GLN C 504 -1.71 27.40 -19.71
N ILE C 505 -1.84 27.78 -20.98
CA ILE C 505 -1.50 29.13 -21.40
C ILE C 505 -2.36 30.18 -20.70
N ALA C 506 -3.66 29.92 -20.61
CA ALA C 506 -4.57 30.86 -19.97
C ALA C 506 -4.27 31.07 -18.48
N ALA C 507 -3.87 29.99 -17.79
CA ALA C 507 -3.58 30.06 -16.36
C ALA C 507 -2.10 30.34 -16.11
N GLU C 508 -1.33 30.44 -17.18
CA GLU C 508 0.09 30.71 -17.08
C GLU C 508 0.82 29.66 -16.24
N LEU C 509 0.49 28.40 -16.46
CA LEU C 509 1.13 27.32 -15.71
C LEU C 509 2.36 26.83 -16.47
N PRO C 510 3.33 26.24 -15.76
CA PRO C 510 4.57 25.73 -16.36
C PRO C 510 4.50 24.47 -17.23
N THR C 511 3.64 23.53 -16.88
CA THR C 511 3.53 22.30 -17.68
C THR C 511 2.11 21.89 -17.99
N ARG C 512 1.92 21.08 -19.03
CA ARG C 512 0.59 20.60 -19.38
C ARG C 512 0.07 19.78 -18.22
N ASP C 513 0.93 18.95 -17.65
CA ASP C 513 0.58 18.11 -16.51
C ASP C 513 0.03 18.96 -15.37
N ASN C 514 0.63 20.12 -15.14
CA ASN C 514 0.18 20.99 -14.07
C ASN C 514 -1.18 21.62 -14.39
N ALA C 515 -1.51 21.72 -15.68
CA ALA C 515 -2.78 22.28 -16.09
C ALA C 515 -3.85 21.24 -15.81
N LYS C 516 -3.49 19.98 -15.98
CA LYS C 516 -4.40 18.88 -15.72
C LYS C 516 -4.73 18.82 -14.23
N THR C 517 -3.71 18.94 -13.39
CA THR C 517 -3.93 18.90 -11.95
C THR C 517 -4.76 20.11 -11.53
N PHE C 518 -4.48 21.27 -12.12
CA PHE C 518 -5.23 22.47 -11.79
C PHE C 518 -6.72 22.32 -12.12
N ILE C 519 -7.02 22.26 -13.42
CA ILE C 519 -8.36 22.14 -13.92
C ILE C 519 -9.25 21.10 -13.22
N TYR C 520 -8.72 19.93 -12.91
CA TYR C 520 -9.53 18.93 -12.25
C TYR C 520 -9.68 19.25 -10.79
N GLY C 521 -8.65 19.85 -10.19
CA GLY C 521 -8.75 20.22 -8.79
C GLY C 521 -9.85 21.27 -8.76
N PHE C 522 -9.77 22.19 -9.71
CA PHE C 522 -10.76 23.26 -9.85
C PHE C 522 -12.17 22.73 -10.04
N LEU C 523 -12.35 21.91 -11.07
CA LEU C 523 -13.66 21.37 -11.38
C LEU C 523 -14.33 20.65 -10.20
N TYR C 524 -13.53 20.02 -9.35
CA TYR C 524 -14.10 19.29 -8.23
C TYR C 524 -14.10 20.01 -6.88
N GLY C 525 -14.21 21.34 -6.95
CA GLY C 525 -14.30 22.17 -5.76
C GLY C 525 -13.14 22.30 -4.79
N ALA C 526 -11.93 22.38 -5.32
CA ALA C 526 -10.78 22.56 -4.46
C ALA C 526 -10.87 23.99 -3.94
N GLY C 527 -10.55 24.21 -2.68
CA GLY C 527 -10.60 25.55 -2.12
C GLY C 527 -9.48 26.43 -2.66
N ASP C 528 -9.57 27.73 -2.38
CA ASP C 528 -8.57 28.68 -2.83
C ASP C 528 -7.15 28.30 -2.42
N GLU C 529 -6.98 27.91 -1.17
CA GLU C 529 -5.65 27.53 -0.68
C GLU C 529 -5.06 26.39 -1.48
N LYS C 530 -5.84 25.32 -1.65
CA LYS C 530 -5.39 24.14 -2.40
C LYS C 530 -5.02 24.49 -3.83
N ILE C 531 -5.83 25.32 -4.48
CA ILE C 531 -5.53 25.71 -5.85
C ILE C 531 -4.20 26.42 -5.87
N GLY C 532 -3.94 27.20 -4.82
CA GLY C 532 -2.67 27.91 -4.74
C GLY C 532 -1.55 26.89 -4.68
N GLN C 533 -1.69 25.91 -3.79
CA GLN C 533 -0.69 24.86 -3.60
C GLN C 533 -0.41 24.07 -4.87
N ILE C 534 -1.42 23.88 -5.70
CA ILE C 534 -1.27 23.13 -6.95
C ILE C 534 -0.47 23.93 -7.97
N VAL C 535 -0.75 25.23 -8.06
CA VAL C 535 -0.07 26.09 -9.01
C VAL C 535 1.18 26.80 -8.44
N GLY C 536 1.44 26.60 -7.16
CA GLY C 536 2.60 27.21 -6.53
C GLY C 536 2.44 28.69 -6.21
N ALA C 537 1.28 29.05 -5.65
CA ALA C 537 0.99 30.43 -5.28
C ALA C 537 0.17 30.43 -3.99
N GLY C 538 -0.57 31.51 -3.74
CA GLY C 538 -1.36 31.59 -2.53
C GLY C 538 -2.85 31.63 -2.79
N LYS C 539 -3.63 31.71 -1.72
CA LYS C 539 -5.08 31.74 -1.82
C LYS C 539 -5.64 32.78 -2.80
N GLU C 540 -4.97 33.92 -2.94
CA GLU C 540 -5.45 34.97 -3.85
C GLU C 540 -5.33 34.52 -5.31
N ARG C 541 -4.19 33.94 -5.65
CA ARG C 541 -3.95 33.46 -7.00
C ARG C 541 -4.96 32.34 -7.27
N GLY C 542 -5.40 31.68 -6.21
CA GLY C 542 -6.36 30.60 -6.35
C GLY C 542 -7.75 31.14 -6.62
N LYS C 543 -8.17 32.13 -5.85
CA LYS C 543 -9.49 32.74 -6.03
C LYS C 543 -9.55 33.34 -7.43
N GLU C 544 -8.44 33.91 -7.88
CA GLU C 544 -8.37 34.50 -9.22
C GLU C 544 -8.74 33.44 -10.25
N LEU C 545 -7.93 32.38 -10.25
CA LEU C 545 -8.11 31.26 -11.16
C LEU C 545 -9.49 30.64 -11.11
N LYS C 546 -10.12 30.63 -9.94
CA LYS C 546 -11.43 30.04 -9.83
C LYS C 546 -12.45 30.89 -10.60
N LYS C 547 -12.41 32.20 -10.41
CA LYS C 547 -13.33 33.07 -11.12
C LYS C 547 -13.01 33.07 -12.60
N LYS C 548 -11.75 33.33 -12.92
CA LYS C 548 -11.31 33.38 -14.31
C LYS C 548 -11.82 32.18 -15.08
N PHE C 549 -11.79 31.00 -14.47
CA PHE C 549 -12.24 29.80 -15.15
C PHE C 549 -13.72 29.48 -15.01
N LEU C 550 -14.30 29.78 -13.86
CA LEU C 550 -15.73 29.53 -13.68
C LEU C 550 -16.53 30.53 -14.52
N GLU C 551 -15.95 31.70 -14.71
CA GLU C 551 -16.57 32.78 -15.47
C GLU C 551 -16.76 32.34 -16.92
N ASN C 552 -15.79 31.59 -17.43
CA ASN C 552 -15.81 31.10 -18.81
C ASN C 552 -16.88 30.06 -19.07
N THR C 553 -17.01 29.08 -18.17
CA THR C 553 -18.03 28.05 -18.31
C THR C 553 -18.96 28.12 -17.11
N PRO C 554 -19.80 29.15 -17.05
CA PRO C 554 -20.75 29.34 -15.95
C PRO C 554 -21.76 28.20 -15.85
N ALA C 555 -21.93 27.48 -16.95
CA ALA C 555 -22.86 26.36 -16.99
C ALA C 555 -22.46 25.30 -15.97
N ILE C 556 -21.19 25.28 -15.60
CA ILE C 556 -20.74 24.30 -14.63
C ILE C 556 -21.60 24.42 -13.37
N ALA C 557 -21.98 25.65 -13.01
CA ALA C 557 -22.81 25.87 -11.83
C ALA C 557 -24.18 25.25 -12.01
N ALA C 558 -24.75 25.44 -13.20
CA ALA C 558 -26.07 24.89 -13.50
C ALA C 558 -26.05 23.38 -13.31
N LEU C 559 -25.04 22.72 -13.86
CA LEU C 559 -24.92 21.27 -13.72
C LEU C 559 -24.82 20.90 -12.25
N ARG C 560 -23.92 21.58 -11.54
CA ARG C 560 -23.74 21.33 -10.11
C ARG C 560 -25.10 21.48 -9.42
N GLU C 561 -25.84 22.49 -9.85
CA GLU C 561 -27.13 22.77 -9.26
C GLU C 561 -28.11 21.61 -9.39
N SER C 562 -28.26 21.08 -10.60
CA SER C 562 -29.17 19.96 -10.83
C SER C 562 -28.80 18.68 -10.10
N ILE C 563 -27.51 18.33 -10.09
CA ILE C 563 -27.07 17.13 -9.38
C ILE C 563 -27.51 17.22 -7.91
N GLN C 564 -27.38 18.42 -7.34
CA GLN C 564 -27.77 18.68 -5.96
C GLN C 564 -29.27 18.46 -5.71
N GLN C 565 -30.09 18.97 -6.63
CA GLN C 565 -31.54 18.86 -6.49
C GLN C 565 -32.05 17.43 -6.66
N THR C 566 -31.36 16.67 -7.50
CA THR C 566 -31.77 15.29 -7.74
C THR C 566 -31.39 14.35 -6.59
N LEU C 567 -30.30 14.67 -5.91
CA LEU C 567 -29.83 13.81 -4.83
C LEU C 567 -30.20 14.23 -3.41
N VAL C 568 -30.02 15.50 -3.10
CA VAL C 568 -30.29 16.01 -1.76
C VAL C 568 -31.66 16.63 -1.52
N GLU C 569 -32.24 16.32 -0.36
CA GLU C 569 -33.55 16.87 0.01
C GLU C 569 -33.25 18.11 0.83
N SER C 570 -32.35 17.93 1.78
CA SER C 570 -31.90 18.99 2.68
C SER C 570 -30.65 18.53 3.40
N SER C 571 -29.84 19.49 3.85
CA SER C 571 -28.62 19.17 4.54
C SER C 571 -28.30 20.26 5.58
N GLN C 572 -27.65 19.86 6.66
CA GLN C 572 -27.28 20.78 7.72
C GLN C 572 -25.76 20.90 7.73
N TRP C 573 -25.18 20.97 8.92
CA TRP C 573 -23.73 21.08 9.11
C TRP C 573 -23.49 21.10 10.61
N VAL C 574 -22.97 20.00 11.14
CA VAL C 574 -22.72 19.92 12.57
C VAL C 574 -21.29 20.34 12.93
N ALA C 575 -20.66 19.59 13.82
CA ALA C 575 -19.31 19.91 14.27
C ALA C 575 -18.24 18.99 13.70
N GLY C 576 -18.62 17.75 13.39
CA GLY C 576 -17.66 16.80 12.86
C GLY C 576 -17.98 16.31 11.45
N GLU C 577 -19.02 16.87 10.84
CA GLU C 577 -19.42 16.49 9.48
C GLU C 577 -20.73 17.15 9.08
N GLN C 578 -21.18 16.82 7.87
CA GLN C 578 -22.42 17.37 7.34
C GLN C 578 -23.52 16.31 7.47
N GLN C 579 -24.66 16.69 8.02
CA GLN C 579 -25.76 15.73 8.17
C GLN C 579 -26.70 15.92 6.97
N VAL C 580 -26.74 14.92 6.11
CA VAL C 580 -27.55 14.98 4.89
C VAL C 580 -28.78 14.08 4.81
N LYS C 581 -29.83 14.63 4.22
CA LYS C 581 -31.09 13.93 4.00
C LYS C 581 -31.15 13.72 2.49
N TRP C 582 -31.13 12.47 2.06
CA TRP C 582 -31.12 12.16 0.63
C TRP C 582 -32.46 11.83 -0.01
N LYS C 583 -32.60 12.20 -1.28
CA LYS C 583 -33.79 11.87 -2.04
C LYS C 583 -33.44 10.52 -2.65
N ARG C 584 -32.21 10.43 -3.13
CA ARG C 584 -31.65 9.24 -3.74
C ARG C 584 -30.15 9.31 -3.43
N ARG C 585 -29.57 8.19 -3.02
CA ARG C 585 -28.17 8.16 -2.64
C ARG C 585 -27.26 7.67 -3.77
N TRP C 586 -27.79 7.60 -4.99
CA TRP C 586 -27.01 7.15 -6.11
C TRP C 586 -27.29 7.81 -7.46
N ILE C 587 -26.37 7.62 -8.38
CA ILE C 587 -26.47 8.17 -9.72
C ILE C 587 -26.58 7.00 -10.70
N LYS C 588 -27.36 7.17 -11.77
CA LYS C 588 -27.52 6.11 -12.75
C LYS C 588 -26.40 6.22 -13.75
N GLY C 589 -25.49 5.25 -13.74
CA GLY C 589 -24.36 5.26 -14.66
C GLY C 589 -24.75 5.10 -16.11
N LEU C 590 -23.79 5.30 -17.02
CA LEU C 590 -24.04 5.19 -18.45
C LEU C 590 -24.60 3.82 -18.87
N ASP C 591 -24.22 2.77 -18.16
CA ASP C 591 -24.71 1.44 -18.49
C ASP C 591 -25.84 1.06 -17.56
N GLY C 592 -26.42 2.07 -16.92
CA GLY C 592 -27.55 1.85 -16.04
C GLY C 592 -27.33 1.45 -14.59
N ARG C 593 -26.13 1.07 -14.20
CA ARG C 593 -25.91 0.66 -12.82
C ARG C 593 -26.12 1.81 -11.84
N LYS C 594 -26.23 1.45 -10.56
CA LYS C 594 -26.37 2.44 -9.52
C LYS C 594 -24.93 2.82 -9.15
N VAL C 595 -24.69 4.11 -8.98
CA VAL C 595 -23.36 4.57 -8.60
C VAL C 595 -23.54 5.36 -7.30
N HIS C 596 -23.20 4.72 -6.20
CA HIS C 596 -23.31 5.30 -4.88
C HIS C 596 -22.57 6.64 -4.77
N VAL C 597 -23.20 7.60 -4.10
CA VAL C 597 -22.60 8.92 -3.90
C VAL C 597 -22.25 9.01 -2.40
N ARG C 598 -20.97 9.20 -2.09
CA ARG C 598 -20.55 9.29 -0.69
C ARG C 598 -20.85 10.66 -0.10
N SER C 599 -20.69 11.70 -0.89
CA SER C 599 -20.89 13.04 -0.38
C SER C 599 -21.39 14.04 -1.42
N PRO C 600 -22.27 14.97 -1.01
CA PRO C 600 -22.78 15.96 -1.95
C PRO C 600 -21.68 16.77 -2.63
N HIS C 601 -20.59 17.03 -1.91
CA HIS C 601 -19.51 17.82 -2.49
C HIS C 601 -18.70 17.06 -3.53
N ALA C 602 -18.95 15.76 -3.63
CA ALA C 602 -18.24 14.95 -4.61
C ALA C 602 -19.17 14.42 -5.71
N ALA C 603 -20.45 14.74 -5.61
CA ALA C 603 -21.42 14.28 -6.60
C ALA C 603 -20.94 14.47 -8.05
N LEU C 604 -20.58 15.70 -8.42
CA LEU C 604 -20.13 15.95 -9.78
C LEU C 604 -19.00 15.01 -10.19
N ASN C 605 -18.04 14.84 -9.27
CA ASN C 605 -16.91 13.97 -9.53
C ASN C 605 -17.39 12.53 -9.71
N THR C 606 -18.38 12.13 -8.91
CA THR C 606 -18.91 10.79 -9.04
C THR C 606 -19.51 10.67 -10.44
N LEU C 607 -20.26 11.68 -10.86
CA LEU C 607 -20.88 11.68 -12.18
C LEU C 607 -19.86 11.57 -13.31
N LEU C 608 -18.88 12.47 -13.30
CA LEU C 608 -17.88 12.50 -14.34
C LEU C 608 -16.84 11.39 -14.27
N GLN C 609 -16.41 11.00 -13.07
CA GLN C 609 -15.43 9.92 -12.97
C GLN C 609 -16.07 8.61 -13.41
N SER C 610 -17.31 8.41 -12.99
CA SER C 610 -18.01 7.20 -13.37
C SER C 610 -18.18 7.13 -14.88
N ALA C 611 -18.61 8.24 -15.48
CA ALA C 611 -18.80 8.28 -16.92
C ALA C 611 -17.47 7.96 -17.64
N GLY C 612 -16.38 8.51 -17.15
CA GLY C 612 -15.09 8.24 -17.75
C GLY C 612 -14.74 6.77 -17.57
N ALA C 613 -14.90 6.27 -16.35
CA ALA C 613 -14.59 4.89 -16.06
C ALA C 613 -15.41 3.89 -16.90
N LEU C 614 -16.72 4.12 -17.01
CA LEU C 614 -17.54 3.19 -17.80
C LEU C 614 -17.26 3.34 -19.29
N ILE C 615 -16.96 4.55 -19.74
CA ILE C 615 -16.65 4.75 -21.15
C ILE C 615 -15.40 3.95 -21.47
N CYS C 616 -14.37 4.13 -20.65
CA CYS C 616 -13.12 3.43 -20.86
C CYS C 616 -13.26 1.92 -20.76
N LYS C 617 -14.10 1.47 -19.84
CA LYS C 617 -14.28 0.04 -19.67
C LYS C 617 -14.91 -0.55 -20.93
N LEU C 618 -15.93 0.11 -21.46
CA LEU C 618 -16.56 -0.40 -22.68
C LEU C 618 -15.57 -0.33 -23.82
N TRP C 619 -14.71 0.69 -23.77
CA TRP C 619 -13.69 0.91 -24.78
C TRP C 619 -12.66 -0.22 -24.90
N ILE C 620 -12.00 -0.57 -23.80
CA ILE C 620 -11.00 -1.63 -23.86
C ILE C 620 -11.64 -2.91 -24.38
N ILE C 621 -12.92 -3.07 -24.06
CA ILE C 621 -13.69 -4.24 -24.49
C ILE C 621 -13.92 -4.25 -25.99
N LYS C 622 -14.48 -3.16 -26.50
CA LYS C 622 -14.76 -3.07 -27.93
C LYS C 622 -13.47 -3.12 -28.72
N THR C 623 -12.40 -2.58 -28.15
CA THR C 623 -11.13 -2.58 -28.82
C THR C 623 -10.60 -3.99 -29.07
N GLU C 624 -10.57 -4.81 -28.02
CA GLU C 624 -10.07 -6.16 -28.17
C GLU C 624 -10.93 -6.93 -29.15
N GLU C 625 -12.24 -6.67 -29.11
CA GLU C 625 -13.16 -7.38 -29.98
C GLU C 625 -12.95 -7.00 -31.43
N MET C 626 -12.64 -5.74 -31.69
CA MET C 626 -12.42 -5.31 -33.07
C MET C 626 -11.08 -5.90 -33.55
N LEU C 627 -10.09 -5.96 -32.67
CA LEU C 627 -8.81 -6.50 -33.06
C LEU C 627 -9.03 -7.95 -33.46
N VAL C 628 -9.83 -8.65 -32.66
CA VAL C 628 -10.12 -10.04 -32.91
C VAL C 628 -10.98 -10.26 -34.16
N GLU C 629 -11.97 -9.42 -34.40
CA GLU C 629 -12.76 -9.63 -35.60
C GLU C 629 -11.94 -9.28 -36.82
N LYS C 630 -10.78 -8.67 -36.60
CA LYS C 630 -9.88 -8.32 -37.68
C LYS C 630 -8.93 -9.48 -37.96
N GLY C 631 -9.09 -10.58 -37.25
CA GLY C 631 -8.23 -11.73 -37.47
C GLY C 631 -7.03 -11.83 -36.54
N LEU C 632 -6.78 -10.82 -35.72
CA LEU C 632 -5.66 -10.84 -34.79
C LEU C 632 -5.91 -11.76 -33.59
N LYS C 633 -4.83 -12.33 -33.06
CA LYS C 633 -4.87 -13.26 -31.93
C LYS C 633 -4.30 -12.65 -30.64
N HIS C 634 -5.04 -12.79 -29.54
CA HIS C 634 -4.62 -12.24 -28.24
C HIS C 634 -3.77 -13.21 -27.43
N GLY C 635 -2.47 -12.93 -27.36
CA GLY C 635 -1.54 -13.77 -26.61
C GLY C 635 -0.11 -13.65 -27.11
N TRP C 636 0.86 -14.05 -26.28
CA TRP C 636 2.27 -13.97 -26.67
C TRP C 636 2.51 -14.99 -27.78
N ASP C 637 1.57 -15.90 -27.93
CA ASP C 637 1.68 -16.92 -28.97
C ASP C 637 0.84 -16.44 -30.15
N GLY C 638 0.43 -15.17 -30.11
CA GLY C 638 -0.39 -14.60 -31.16
C GLY C 638 0.15 -13.35 -31.83
N ASP C 639 -0.62 -12.28 -31.79
CA ASP C 639 -0.22 -11.02 -32.42
C ASP C 639 -0.10 -9.84 -31.44
N PHE C 640 -0.97 -9.79 -30.44
CA PHE C 640 -0.94 -8.69 -29.47
C PHE C 640 -1.29 -9.22 -28.08
N ALA C 641 -1.04 -8.40 -27.07
CA ALA C 641 -1.34 -8.80 -25.70
C ALA C 641 -1.48 -7.61 -24.77
N TYR C 642 -2.65 -7.48 -24.13
CA TYR C 642 -2.90 -6.39 -23.20
C TYR C 642 -1.91 -6.57 -22.06
N MET C 643 -1.18 -5.51 -21.74
CA MET C 643 -0.23 -5.59 -20.66
C MET C 643 -0.72 -4.81 -19.45
N ALA C 644 -1.41 -3.69 -19.72
CA ALA C 644 -1.92 -2.87 -18.64
C ALA C 644 -3.06 -1.94 -19.03
N TRP C 645 -3.92 -1.67 -18.06
CA TRP C 645 -5.03 -0.76 -18.22
C TRP C 645 -4.97 0.18 -17.03
N VAL C 646 -4.65 1.45 -17.31
CA VAL C 646 -4.52 2.46 -16.26
C VAL C 646 -5.60 3.52 -16.40
N HIS C 647 -6.82 3.15 -16.01
CA HIS C 647 -7.99 4.03 -16.05
C HIS C 647 -8.44 4.40 -17.47
N ASP C 648 -7.81 5.40 -18.07
CA ASP C 648 -8.18 5.78 -19.43
C ASP C 648 -7.01 5.55 -20.38
N GLU C 649 -6.14 4.60 -20.04
CA GLU C 649 -4.98 4.29 -20.86
C GLU C 649 -4.73 2.79 -20.96
N ILE C 650 -4.27 2.34 -22.13
CA ILE C 650 -3.93 0.94 -22.32
C ILE C 650 -2.56 0.81 -22.97
N GLN C 651 -1.85 -0.22 -22.54
CA GLN C 651 -0.51 -0.49 -23.06
C GLN C 651 -0.55 -1.92 -23.60
N VAL C 652 -0.45 -2.04 -24.91
CA VAL C 652 -0.50 -3.32 -25.60
C VAL C 652 0.81 -3.71 -26.25
N GLY C 653 1.22 -4.95 -26.02
CA GLY C 653 2.44 -5.44 -26.63
C GLY C 653 2.06 -5.99 -28.01
N CYS C 654 2.87 -5.70 -29.02
CA CYS C 654 2.56 -6.18 -30.35
C CYS C 654 3.73 -6.94 -30.97
N ARG C 655 3.43 -7.96 -31.74
CA ARG C 655 4.48 -8.74 -32.39
C ARG C 655 5.27 -7.93 -33.43
N THR C 656 4.59 -6.97 -34.07
CA THR C 656 5.24 -6.15 -35.11
C THR C 656 4.69 -4.73 -35.11
N GLU C 657 5.47 -3.80 -35.66
CA GLU C 657 5.04 -2.41 -35.74
C GLU C 657 3.71 -2.32 -36.45
N GLU C 658 3.59 -3.05 -37.55
CA GLU C 658 2.36 -3.04 -38.33
C GLU C 658 1.16 -3.34 -37.44
N ILE C 659 1.28 -4.37 -36.61
CA ILE C 659 0.22 -4.75 -35.70
C ILE C 659 -0.03 -3.58 -34.74
N ALA C 660 1.04 -2.99 -34.21
CA ALA C 660 0.88 -1.86 -33.29
C ALA C 660 0.14 -0.69 -33.94
N GLN C 661 0.40 -0.43 -35.23
CA GLN C 661 -0.29 0.66 -35.90
C GLN C 661 -1.78 0.33 -35.97
N VAL C 662 -2.10 -0.94 -36.23
CA VAL C 662 -3.50 -1.35 -36.32
C VAL C 662 -4.17 -1.29 -34.96
N VAL C 663 -3.46 -1.67 -33.91
CA VAL C 663 -4.01 -1.60 -32.57
C VAL C 663 -4.37 -0.16 -32.26
N ILE C 664 -3.44 0.75 -32.52
CA ILE C 664 -3.64 2.18 -32.27
C ILE C 664 -4.84 2.73 -33.02
N GLU C 665 -4.91 2.45 -34.32
CA GLU C 665 -6.03 2.92 -35.13
C GLU C 665 -7.35 2.34 -34.65
N THR C 666 -7.33 1.04 -34.36
CA THR C 666 -8.52 0.32 -33.87
C THR C 666 -9.04 0.90 -32.54
N ALA C 667 -8.14 1.17 -31.61
CA ALA C 667 -8.54 1.74 -30.32
C ALA C 667 -9.31 3.04 -30.57
N GLN C 668 -8.83 3.82 -31.53
CA GLN C 668 -9.47 5.08 -31.89
C GLN C 668 -10.87 4.84 -32.45
N GLU C 669 -11.02 3.86 -33.34
CA GLU C 669 -12.33 3.58 -33.89
C GLU C 669 -13.24 3.17 -32.74
N ALA C 670 -12.69 2.36 -31.84
CA ALA C 670 -13.43 1.86 -30.69
C ALA C 670 -13.94 2.99 -29.80
N MET C 671 -13.08 3.97 -29.51
CA MET C 671 -13.48 5.08 -28.67
C MET C 671 -14.71 5.77 -29.27
N ARG C 672 -14.63 6.11 -30.56
CA ARG C 672 -15.71 6.78 -31.25
C ARG C 672 -16.97 5.93 -31.23
N TRP C 673 -16.78 4.63 -31.36
CA TRP C 673 -17.90 3.69 -31.34
C TRP C 673 -18.63 3.86 -30.01
N VAL C 674 -17.90 3.72 -28.91
CA VAL C 674 -18.47 3.85 -27.58
C VAL C 674 -19.23 5.17 -27.44
N GLY C 675 -18.63 6.25 -27.91
CA GLY C 675 -19.27 7.54 -27.82
C GLY C 675 -20.60 7.55 -28.55
N ASP C 676 -20.66 6.83 -29.67
CA ASP C 676 -21.89 6.77 -30.44
C ASP C 676 -22.88 5.85 -29.72
N HIS C 677 -22.34 4.79 -29.12
CA HIS C 677 -23.14 3.81 -28.41
C HIS C 677 -24.05 4.39 -27.34
N TRP C 678 -23.56 5.37 -26.60
CA TRP C 678 -24.35 5.98 -25.54
C TRP C 678 -24.79 7.41 -25.89
N ASN C 679 -24.86 7.70 -27.18
CA ASN C 679 -25.30 9.00 -27.64
C ASN C 679 -24.66 10.15 -26.89
N PHE C 680 -23.35 10.09 -26.72
CA PHE C 680 -22.62 11.13 -26.02
C PHE C 680 -22.67 12.45 -26.78
N ARG C 681 -22.89 13.52 -26.04
CA ARG C 681 -22.98 14.86 -26.60
C ARG C 681 -21.61 15.49 -26.89
N CYS C 682 -20.54 14.79 -26.54
CA CYS C 682 -19.20 15.31 -26.82
C CYS C 682 -18.41 14.25 -27.59
N LEU C 683 -17.77 14.66 -28.68
CA LEU C 683 -16.99 13.72 -29.47
C LEU C 683 -15.85 13.17 -28.62
N LEU C 684 -15.66 11.85 -28.64
CA LEU C 684 -14.58 11.23 -27.87
C LEU C 684 -13.36 10.92 -28.75
N ASP C 685 -12.17 11.09 -28.18
CA ASP C 685 -10.92 10.83 -28.91
C ASP C 685 -9.85 10.17 -28.07
N THR C 686 -8.79 9.71 -28.73
CA THR C 686 -7.68 9.06 -28.05
C THR C 686 -6.40 9.40 -28.78
N GLU C 687 -5.29 9.34 -28.06
CA GLU C 687 -3.99 9.61 -28.64
C GLU C 687 -3.19 8.33 -28.53
N GLY C 688 -2.48 7.97 -29.60
CA GLY C 688 -1.68 6.76 -29.61
C GLY C 688 -0.20 6.95 -29.86
N LYS C 689 0.62 6.18 -29.13
CA LYS C 689 2.07 6.26 -29.27
C LYS C 689 2.72 4.88 -29.47
N MET C 690 3.47 4.72 -30.56
CA MET C 690 4.14 3.45 -30.81
C MET C 690 5.54 3.53 -30.21
N GLY C 691 6.02 2.45 -29.63
CA GLY C 691 7.34 2.48 -29.03
C GLY C 691 7.81 1.21 -28.36
N PRO C 692 9.03 1.24 -27.80
CA PRO C 692 9.66 0.11 -27.11
C PRO C 692 9.21 -0.13 -25.68
N ASN C 693 8.83 0.92 -24.98
CA ASN C 693 8.40 0.76 -23.60
C ASN C 693 7.41 1.80 -23.10
N TRP C 694 7.16 1.80 -21.80
CA TRP C 694 6.21 2.71 -21.21
C TRP C 694 6.74 4.13 -21.16
N ALA C 695 8.06 4.27 -21.12
CA ALA C 695 8.67 5.60 -21.07
C ALA C 695 8.42 6.37 -22.37
N ILE C 696 8.40 5.65 -23.49
CA ILE C 696 8.18 6.29 -24.76
C ILE C 696 6.69 6.29 -25.13
N CYS C 697 5.95 5.32 -24.62
CA CYS C 697 4.53 5.20 -24.94
C CYS C 697 3.48 5.88 -24.09
N HIS C 698 3.86 6.83 -23.24
CA HIS C 698 2.86 7.52 -22.44
C HIS C 698 3.35 8.90 -22.07
N ASP D 2 33.71 22.29 44.13
CA ASP D 2 33.42 20.97 43.48
C ASP D 2 34.76 20.31 43.21
N LYS D 3 34.80 18.99 43.38
CA LYS D 3 36.02 18.25 43.16
C LYS D 3 35.73 17.13 42.16
N ILE D 4 34.64 17.30 41.44
CA ILE D 4 34.20 16.33 40.44
C ILE D 4 34.51 16.87 39.05
N ILE D 5 35.14 16.05 38.22
CA ILE D 5 35.49 16.43 36.86
C ILE D 5 34.29 16.36 35.93
N HIS D 6 34.00 17.48 35.27
CA HIS D 6 32.88 17.54 34.32
C HIS D 6 33.47 17.31 32.94
N LEU D 7 33.34 16.08 32.45
CA LEU D 7 33.88 15.67 31.16
C LEU D 7 33.15 16.16 29.91
N THR D 8 33.76 15.91 28.76
CA THR D 8 33.20 16.22 27.45
C THR D 8 33.71 15.08 26.57
N ASP D 9 33.07 14.84 25.44
CA ASP D 9 33.53 13.77 24.56
C ASP D 9 35.00 13.99 24.20
N ASP D 10 35.36 15.22 23.84
CA ASP D 10 36.72 15.56 23.43
C ASP D 10 37.78 15.45 24.54
N SER D 11 37.37 15.61 25.79
CA SER D 11 38.32 15.54 26.89
C SER D 11 38.35 14.17 27.58
N PHE D 12 37.33 13.37 27.33
CA PHE D 12 37.19 12.06 27.95
C PHE D 12 38.44 11.19 27.93
N ASP D 13 38.98 10.97 26.74
CA ASP D 13 40.16 10.13 26.62
C ASP D 13 41.28 10.42 27.62
N THR D 14 41.79 11.65 27.67
CA THR D 14 42.90 11.91 28.59
C THR D 14 42.50 12.14 30.05
N ASP D 15 41.25 12.51 30.27
CA ASP D 15 40.78 12.72 31.64
C ASP D 15 40.48 11.39 32.30
N VAL D 16 40.11 10.42 31.48
CA VAL D 16 39.74 9.11 31.97
C VAL D 16 40.70 8.00 31.60
N LEU D 17 40.70 7.61 30.33
CA LEU D 17 41.54 6.53 29.83
C LEU D 17 43.04 6.69 30.06
N LYS D 18 43.45 7.89 30.41
CA LYS D 18 44.87 8.15 30.65
C LYS D 18 44.94 9.06 31.84
N ALA D 19 44.57 8.56 33.02
CA ALA D 19 44.60 9.39 34.21
C ALA D 19 45.44 8.90 35.37
N ASP D 20 45.73 7.61 35.41
CA ASP D 20 46.51 7.05 36.53
C ASP D 20 45.67 7.25 37.79
N GLY D 21 45.33 6.14 38.45
CA GLY D 21 44.51 6.24 39.65
C GLY D 21 43.08 5.95 39.25
N ALA D 22 42.30 5.44 40.20
CA ALA D 22 40.90 5.09 39.93
C ALA D 22 40.04 6.29 39.54
N ILE D 23 39.06 6.04 38.67
CA ILE D 23 38.16 7.10 38.22
C ILE D 23 36.75 6.56 37.98
N LEU D 24 35.79 7.16 38.67
CA LEU D 24 34.39 6.76 38.55
C LEU D 24 33.64 7.76 37.67
N VAL D 25 33.20 7.30 36.50
CA VAL D 25 32.48 8.15 35.56
C VAL D 25 30.98 7.91 35.63
N ASP D 26 30.23 9.00 35.76
CA ASP D 26 28.78 8.93 35.85
C ASP D 26 28.05 9.42 34.59
N PHE D 27 27.61 8.47 33.76
CA PHE D 27 26.88 8.81 32.53
C PHE D 27 25.43 9.11 32.90
N TRP D 28 25.07 10.39 32.89
CA TRP D 28 23.72 10.81 33.26
C TRP D 28 23.02 11.69 32.25
N ALA D 29 21.78 12.05 32.57
CA ALA D 29 20.95 12.92 31.75
C ALA D 29 20.05 13.69 32.71
N GLU D 30 19.80 14.96 32.40
CA GLU D 30 18.97 15.80 33.25
C GLU D 30 17.51 15.30 33.37
N TRP D 31 17.02 14.63 32.33
CA TRP D 31 15.64 14.12 32.32
C TRP D 31 15.44 12.77 33.00
N CYS D 32 16.42 12.33 33.79
CA CYS D 32 16.31 11.06 34.47
C CYS D 32 16.20 11.23 35.98
N GLY D 33 15.16 10.66 36.56
CA GLY D 33 14.94 10.76 37.99
C GLY D 33 16.08 10.10 38.77
N PRO D 34 16.37 8.83 38.48
CA PRO D 34 17.45 8.14 39.18
C PRO D 34 18.76 8.93 39.12
N CYS D 35 18.99 9.63 38.02
CA CYS D 35 20.22 10.42 37.88
C CYS D 35 20.28 11.57 38.87
N LYS D 36 19.19 12.32 38.97
CA LYS D 36 19.10 13.45 39.88
C LYS D 36 19.17 12.97 41.32
N MET D 37 19.05 11.66 41.53
CA MET D 37 19.09 11.07 42.87
C MET D 37 20.49 10.74 43.34
N ILE D 38 21.25 10.06 42.49
CA ILE D 38 22.60 9.64 42.83
C ILE D 38 23.58 10.81 42.82
N ALA D 39 23.18 11.91 42.17
CA ALA D 39 24.04 13.09 42.08
C ALA D 39 24.55 13.56 43.43
N PRO D 40 23.65 13.97 44.34
CA PRO D 40 24.06 14.44 45.66
C PRO D 40 25.07 13.50 46.31
N ILE D 41 24.80 12.20 46.22
CA ILE D 41 25.66 11.20 46.80
C ILE D 41 27.06 11.23 46.19
N LEU D 42 27.12 11.49 44.88
CA LEU D 42 28.39 11.55 44.17
C LEU D 42 29.24 12.71 44.68
N ASP D 43 28.61 13.86 44.90
CA ASP D 43 29.33 15.01 45.39
C ASP D 43 30.04 14.64 46.69
N GLU D 44 29.34 13.90 47.54
CA GLU D 44 29.91 13.48 48.81
C GLU D 44 30.99 12.43 48.62
N ILE D 45 30.72 11.45 47.75
CA ILE D 45 31.69 10.40 47.49
C ILE D 45 32.97 10.96 46.88
N ALA D 46 32.88 12.16 46.33
CA ALA D 46 34.03 12.80 45.69
C ALA D 46 35.04 13.28 46.73
N ASP D 47 34.55 13.70 47.89
CA ASP D 47 35.41 14.19 48.96
C ASP D 47 35.88 13.02 49.84
N GLU D 48 34.95 12.14 50.16
CA GLU D 48 35.22 10.98 50.99
C GLU D 48 36.32 10.08 50.43
N TYR D 49 36.37 9.94 49.12
CA TYR D 49 37.38 9.10 48.50
C TYR D 49 38.46 9.90 47.81
N GLN D 50 38.54 11.19 48.15
CA GLN D 50 39.55 12.06 47.59
C GLN D 50 40.91 11.42 47.82
N GLY D 51 41.71 11.34 46.76
CA GLY D 51 43.02 10.72 46.88
C GLY D 51 43.01 9.25 46.50
N LYS D 52 41.86 8.60 46.67
CA LYS D 52 41.73 7.19 46.33
C LYS D 52 41.25 7.01 44.89
N LEU D 53 40.44 7.94 44.40
CA LEU D 53 39.94 7.87 43.03
C LEU D 53 39.33 9.22 42.63
N THR D 54 38.96 9.35 41.37
CA THR D 54 38.37 10.59 40.87
C THR D 54 36.92 10.36 40.41
N VAL D 55 36.06 11.30 40.75
CA VAL D 55 34.65 11.22 40.37
C VAL D 55 34.34 12.19 39.25
N ALA D 56 34.00 11.65 38.08
CA ALA D 56 33.70 12.49 36.92
C ALA D 56 32.31 12.21 36.32
N LYS D 57 31.65 13.26 35.88
CA LYS D 57 30.32 13.14 35.29
C LYS D 57 30.33 13.47 33.80
N LEU D 58 29.57 12.71 33.02
CA LEU D 58 29.45 12.94 31.60
C LEU D 58 27.98 12.95 31.20
N ASN D 59 27.50 14.11 30.76
CA ASN D 59 26.12 14.28 30.34
C ASN D 59 25.99 13.73 28.93
N ILE D 60 25.29 12.61 28.78
CA ILE D 60 25.13 11.99 27.47
C ILE D 60 24.39 12.82 26.44
N ASP D 61 23.62 13.83 26.85
CA ASP D 61 22.95 14.69 25.87
C ASP D 61 23.97 15.64 25.25
N GLN D 62 24.72 16.33 26.11
CA GLN D 62 25.73 17.30 25.67
C GLN D 62 26.91 16.55 25.05
N ASN D 63 27.06 15.28 25.37
CA ASN D 63 28.17 14.45 24.86
C ASN D 63 27.65 13.08 24.46
N PRO D 64 27.08 12.97 23.25
CA PRO D 64 26.52 11.72 22.73
C PRO D 64 27.50 10.68 22.18
N GLY D 65 28.75 11.07 21.96
CA GLY D 65 29.71 10.15 21.40
C GLY D 65 30.40 9.12 22.28
N THR D 66 30.48 9.37 23.59
CA THR D 66 31.17 8.44 24.49
C THR D 66 30.33 7.23 24.92
N ALA D 67 29.15 7.48 25.47
CA ALA D 67 28.29 6.41 25.95
C ALA D 67 28.13 5.24 24.97
N PRO D 68 27.82 5.51 23.70
CA PRO D 68 27.65 4.44 22.71
C PRO D 68 28.78 3.42 22.71
N LYS D 69 30.00 3.88 22.94
CA LYS D 69 31.15 2.99 22.95
C LYS D 69 31.10 2.01 24.11
N TYR D 70 30.21 2.26 25.06
CA TYR D 70 30.10 1.39 26.22
C TYR D 70 28.75 0.67 26.31
N GLY D 71 27.97 0.75 25.23
CA GLY D 71 26.68 0.10 25.19
C GLY D 71 25.76 0.43 26.35
N ILE D 72 25.77 1.68 26.78
CA ILE D 72 24.92 2.11 27.88
C ILE D 72 23.48 1.80 27.51
N ARG D 73 22.83 0.98 28.32
CA ARG D 73 21.45 0.61 28.08
C ARG D 73 20.51 1.19 29.14
N GLY D 74 21.10 1.73 30.20
CA GLY D 74 20.31 2.32 31.27
C GLY D 74 21.13 3.37 32.02
N ILE D 75 20.46 4.33 32.64
CA ILE D 75 21.16 5.37 33.39
C ILE D 75 20.48 5.62 34.74
N PRO D 76 21.23 6.15 35.72
CA PRO D 76 22.64 6.52 35.62
C PRO D 76 23.57 5.31 35.61
N THR D 77 24.57 5.34 34.74
CA THR D 77 25.54 4.27 34.65
C THR D 77 26.84 4.70 35.30
N LEU D 78 27.38 3.86 36.17
CA LEU D 78 28.63 4.17 36.82
C LEU D 78 29.69 3.21 36.31
N LEU D 79 30.61 3.74 35.52
CA LEU D 79 31.69 2.92 34.98
C LEU D 79 32.92 3.28 35.80
N LEU D 80 33.55 2.28 36.40
CA LEU D 80 34.75 2.50 37.21
C LEU D 80 35.96 2.19 36.35
N PHE D 81 36.77 3.22 36.08
CA PHE D 81 37.95 3.02 35.26
C PHE D 81 39.21 2.90 36.10
N LYS D 82 40.10 2.03 35.63
CA LYS D 82 41.37 1.81 36.31
C LYS D 82 42.43 1.57 35.23
N ASN D 83 42.79 2.65 34.55
CA ASN D 83 43.79 2.64 33.48
C ASN D 83 43.26 2.23 32.10
N GLY D 84 42.42 3.10 31.52
CA GLY D 84 41.86 2.84 30.20
C GLY D 84 40.92 1.66 30.11
N GLU D 85 40.87 0.90 31.20
CA GLU D 85 40.03 -0.29 31.30
C GLU D 85 38.87 -0.08 32.26
N VAL D 86 37.74 -0.72 31.98
CA VAL D 86 36.59 -0.63 32.84
C VAL D 86 36.76 -1.68 33.94
N ALA D 87 36.95 -1.22 35.18
CA ALA D 87 37.12 -2.14 36.30
C ALA D 87 35.79 -2.79 36.66
N ALA D 88 34.91 -2.02 37.31
CA ALA D 88 33.59 -2.51 37.69
C ALA D 88 32.51 -1.69 36.99
N THR D 89 31.32 -2.26 36.89
CA THR D 89 30.22 -1.56 36.23
C THR D 89 28.87 -1.89 36.84
N LYS D 90 28.24 -0.89 37.45
CA LYS D 90 26.93 -1.03 38.07
C LYS D 90 26.02 0.08 37.56
N VAL D 91 24.76 -0.25 37.31
CA VAL D 91 23.78 0.74 36.82
C VAL D 91 22.65 0.94 37.82
N GLY D 92 22.19 2.18 37.96
CA GLY D 92 21.12 2.48 38.89
C GLY D 92 21.52 3.44 40.00
N ALA D 93 20.54 4.15 40.54
CA ALA D 93 20.77 5.12 41.61
C ALA D 93 21.03 4.47 42.98
N LEU D 94 22.17 3.79 43.11
CA LEU D 94 22.52 3.14 44.36
C LEU D 94 22.49 4.16 45.50
N SER D 95 22.53 3.65 46.73
CA SER D 95 22.51 4.48 47.91
C SER D 95 23.95 4.82 48.32
N LYS D 96 24.10 5.79 49.22
CA LYS D 96 25.44 6.17 49.66
C LYS D 96 26.17 4.96 50.22
N GLY D 97 25.42 3.99 50.72
CA GLY D 97 26.02 2.80 51.28
C GLY D 97 26.40 1.80 50.20
N GLN D 98 25.44 1.46 49.36
CA GLN D 98 25.68 0.49 48.28
C GLN D 98 26.84 0.93 47.38
N LEU D 99 26.98 2.23 47.19
CA LEU D 99 28.05 2.77 46.34
C LEU D 99 29.42 2.57 46.99
N LYS D 100 29.53 2.96 48.26
CA LYS D 100 30.79 2.82 48.98
C LYS D 100 31.20 1.35 49.02
N GLU D 101 30.21 0.48 49.12
CA GLU D 101 30.47 -0.96 49.17
C GLU D 101 30.85 -1.43 47.78
N PHE D 102 30.46 -0.66 46.77
CA PHE D 102 30.78 -0.98 45.38
C PHE D 102 32.23 -0.62 45.10
N LEU D 103 32.62 0.56 45.58
CA LEU D 103 33.97 1.06 45.38
C LEU D 103 34.97 0.24 46.18
N ASP D 104 34.82 0.24 47.50
CA ASP D 104 35.73 -0.50 48.37
C ASP D 104 36.05 -1.89 47.85
N ALA D 105 35.04 -2.61 47.38
CA ALA D 105 35.24 -3.95 46.85
C ALA D 105 36.02 -3.95 45.54
N ASN D 106 36.15 -2.78 44.92
CA ASN D 106 36.87 -2.65 43.66
C ASN D 106 38.11 -1.77 43.75
N LEU D 107 38.41 -1.29 44.95
CA LEU D 107 39.59 -0.44 45.19
C LEU D 107 40.63 -1.14 46.08
#